data_7LC8
#
_entry.id   7LC8
#
_entity_poly.entity_id   1
_entity_poly.type   'polypeptide(L)'
_entity_poly.pdbx_seq_one_letter_code
;WLGFIAGLIAIVLVTILLSST
;
_entity_poly.pdbx_strand_id   A,B,C
#
# COMPACT_ATOMS: atom_id res chain seq x y z
N TRP A 1 -15.25 -6.38 1.79
CA TRP A 1 -14.24 -6.82 0.82
C TRP A 1 -13.24 -5.70 0.52
N LEU A 2 -13.76 -4.52 0.18
CA LEU A 2 -12.91 -3.38 -0.17
C LEU A 2 -12.04 -2.96 1.01
N GLY A 3 -12.67 -2.78 2.17
CA GLY A 3 -11.95 -2.38 3.39
C GLY A 3 -10.93 -3.45 3.78
N PHE A 4 -11.26 -4.71 3.52
CA PHE A 4 -10.40 -5.84 3.85
C PHE A 4 -9.09 -5.77 3.05
N ILE A 5 -9.20 -5.58 1.73
CA ILE A 5 -8.04 -5.49 0.86
C ILE A 5 -7.26 -4.19 1.13
N ALA A 6 -7.96 -3.08 1.27
CA ALA A 6 -7.31 -1.78 1.50
C ALA A 6 -6.60 -1.74 2.84
N GLY A 7 -7.26 -2.24 3.85
CA GLY A 7 -6.68 -2.25 5.19
C GLY A 7 -5.57 -3.28 5.32
N LEU A 8 -5.78 -4.45 4.72
CA LEU A 8 -4.80 -5.54 4.78
C LEU A 8 -3.50 -5.19 4.04
N ILE A 9 -3.61 -4.73 2.78
CA ILE A 9 -2.41 -4.40 2.01
C ILE A 9 -1.74 -3.16 2.60
N ALA A 10 -2.56 -2.17 2.95
CA ALA A 10 -2.04 -0.92 3.49
C ALA A 10 -1.40 -1.10 4.87
N ILE A 11 -2.01 -1.91 5.74
CA ILE A 11 -1.47 -2.08 7.09
C ILE A 11 -0.12 -2.81 7.05
N VAL A 12 0.01 -3.81 6.16
CA VAL A 12 1.26 -4.55 6.04
C VAL A 12 2.38 -3.62 5.52
N LEU A 13 2.01 -2.74 4.59
CA LEU A 13 2.99 -1.80 4.01
C LEU A 13 3.49 -0.77 5.04
N VAL A 14 2.59 -0.22 5.86
CA VAL A 14 3.02 0.73 6.90
C VAL A 14 3.99 -0.01 7.85
N THR A 15 3.74 -1.32 8.06
CA THR A 15 4.60 -2.14 8.90
C THR A 15 6.01 -2.15 8.33
N ILE A 16 6.13 -2.16 6.99
CA ILE A 16 7.44 -2.14 6.33
C ILE A 16 8.16 -0.85 6.75
N LEU A 17 7.42 0.25 6.79
CA LEU A 17 7.97 1.56 7.19
C LEU A 17 8.52 1.50 8.61
N LEU A 18 7.76 0.87 9.51
CA LEU A 18 8.17 0.75 10.92
C LEU A 18 9.42 -0.11 11.08
N SER A 19 9.48 -1.20 10.30
CA SER A 19 10.62 -2.12 10.36
C SER A 19 11.91 -1.43 9.89
N SER A 20 11.78 -0.63 8.83
CA SER A 20 12.94 0.09 8.28
C SER A 20 13.23 1.37 9.06
N THR A 21 12.18 1.98 9.64
CA THR A 21 12.32 3.22 10.41
C THR A 21 12.78 4.37 9.51
N TRP B 1 -7.06 -14.97 -5.63
CA TRP B 1 -7.60 -13.87 -6.44
C TRP B 1 -7.32 -12.53 -5.75
N LEU B 2 -7.92 -12.32 -4.56
CA LEU B 2 -7.70 -11.09 -3.82
C LEU B 2 -6.25 -11.02 -3.36
N GLY B 3 -5.71 -12.16 -2.91
CA GLY B 3 -4.32 -12.24 -2.47
C GLY B 3 -3.40 -11.83 -3.62
N PHE B 4 -3.80 -12.17 -4.86
CA PHE B 4 -3.03 -11.83 -6.03
C PHE B 4 -2.91 -10.31 -6.13
N ILE B 5 -4.03 -9.61 -5.91
CA ILE B 5 -4.04 -8.16 -5.94
C ILE B 5 -3.21 -7.62 -4.76
N ALA B 6 -3.38 -8.21 -3.59
CA ALA B 6 -2.67 -7.78 -2.39
C ALA B 6 -1.16 -7.84 -2.56
N GLY B 7 -0.69 -8.81 -3.31
CA GLY B 7 0.74 -9.00 -3.53
C GLY B 7 1.30 -8.00 -4.55
N LEU B 8 0.60 -7.80 -5.67
CA LEU B 8 1.09 -6.87 -6.69
C LEU B 8 1.08 -5.42 -6.20
N ILE B 9 0.03 -5.00 -5.48
CA ILE B 9 -0.02 -3.61 -4.98
C ILE B 9 1.05 -3.42 -3.89
N ALA B 10 1.22 -4.44 -3.05
CA ALA B 10 2.20 -4.40 -1.97
C ALA B 10 3.62 -4.18 -2.48
N ILE B 11 4.00 -4.88 -3.55
CA ILE B 11 5.36 -4.75 -4.10
C ILE B 11 5.56 -3.38 -4.76
N VAL B 12 4.53 -2.87 -5.42
CA VAL B 12 4.62 -1.57 -6.08
C VAL B 12 4.62 -0.46 -5.02
N LEU B 13 3.86 -0.64 -3.93
CA LEU B 13 3.80 0.38 -2.88
C LEU B 13 5.14 0.50 -2.14
N VAL B 14 5.79 -0.61 -1.83
CA VAL B 14 7.09 -0.54 -1.15
C VAL B 14 8.10 0.18 -2.04
N THR B 15 8.00 -0.01 -3.38
CA THR B 15 8.91 0.66 -4.31
C THR B 15 8.67 2.17 -4.38
N ILE B 16 7.40 2.62 -4.44
CA ILE B 16 7.11 4.07 -4.51
C ILE B 16 7.52 4.75 -3.19
N LEU B 17 7.32 4.04 -2.07
CA LEU B 17 7.66 4.58 -0.76
C LEU B 17 9.16 4.87 -0.69
N LEU B 18 9.96 3.89 -1.11
CA LEU B 18 11.42 4.05 -1.11
C LEU B 18 11.86 5.14 -2.09
N SER B 19 11.17 5.21 -3.23
CA SER B 19 11.49 6.22 -4.25
C SER B 19 11.15 7.63 -3.75
N SER B 20 10.15 7.74 -2.87
CA SER B 20 9.74 9.04 -2.32
C SER B 20 10.58 9.44 -1.10
N THR B 21 11.66 8.69 -0.81
CA THR B 21 12.53 8.99 0.32
C THR B 21 13.76 9.78 -0.14
N TRP C 1 -11.45 -2.55 -12.03
CA TRP C 1 -11.56 -3.30 -10.79
C TRP C 1 -10.19 -3.44 -10.11
N LEU C 2 -9.22 -4.00 -10.83
CA LEU C 2 -7.87 -4.19 -10.30
C LEU C 2 -7.16 -2.84 -10.17
N GLY C 3 -7.22 -2.04 -11.23
CA GLY C 3 -6.59 -0.72 -11.23
C GLY C 3 -7.22 0.17 -10.16
N PHE C 4 -8.55 0.05 -10.00
CA PHE C 4 -9.28 0.84 -9.02
C PHE C 4 -8.79 0.51 -7.59
N ILE C 5 -8.70 -0.78 -7.26
CA ILE C 5 -8.26 -1.21 -5.94
C ILE C 5 -6.79 -0.82 -5.69
N ALA C 6 -5.92 -1.07 -6.68
CA ALA C 6 -4.50 -0.75 -6.54
C ALA C 6 -4.27 0.75 -6.40
N GLY C 7 -4.89 1.49 -7.30
CA GLY C 7 -4.75 2.95 -7.30
C GLY C 7 -5.36 3.56 -6.03
N LEU C 8 -6.54 3.07 -5.62
CA LEU C 8 -7.19 3.61 -4.42
C LEU C 8 -6.39 3.32 -3.16
N ILE C 9 -5.94 2.07 -2.99
CA ILE C 9 -5.18 1.73 -1.79
C ILE C 9 -3.82 2.40 -1.85
N ALA C 10 -3.18 2.36 -3.02
CA ALA C 10 -1.87 2.96 -3.20
C ALA C 10 -1.87 4.47 -2.90
N ILE C 11 -2.90 5.20 -3.35
CA ILE C 11 -2.95 6.65 -3.11
C ILE C 11 -3.09 6.93 -1.60
N VAL C 12 -3.82 6.07 -0.89
CA VAL C 12 -4.01 6.23 0.55
C VAL C 12 -2.66 6.13 1.28
N LEU C 13 -1.84 5.15 0.87
CA LEU C 13 -0.53 4.95 1.51
C LEU C 13 0.40 6.15 1.28
N VAL C 14 0.36 6.71 0.07
CA VAL C 14 1.17 7.89 -0.23
C VAL C 14 0.74 9.01 0.72
N THR C 15 -0.56 9.03 1.07
CA THR C 15 -1.09 10.00 2.01
C THR C 15 -0.41 9.83 3.38
N ILE C 16 -0.13 8.55 3.76
CA ILE C 16 0.52 8.27 5.05
C ILE C 16 1.91 8.93 5.08
N LEU C 17 2.62 8.86 3.95
CA LEU C 17 3.97 9.45 3.85
C LEU C 17 3.91 10.95 4.09
N LEU C 18 2.98 11.63 3.42
CA LEU C 18 2.81 13.08 3.56
C LEU C 18 2.26 13.44 4.95
N SER C 19 1.42 12.56 5.49
CA SER C 19 0.80 12.77 6.80
C SER C 19 1.83 12.64 7.93
N SER C 20 2.78 11.71 7.74
CA SER C 20 3.82 11.47 8.76
C SER C 20 4.97 12.47 8.61
N THR C 21 5.33 12.80 7.36
CA THR C 21 6.40 13.74 7.09
C THR C 21 5.85 15.16 6.88
N TRP A 1 -15.52 -6.25 1.03
CA TRP A 1 -14.58 -6.72 0.00
C TRP A 1 -13.47 -5.68 -0.22
N LEU A 2 -13.87 -4.50 -0.69
CA LEU A 2 -12.92 -3.41 -0.94
C LEU A 2 -12.24 -2.99 0.37
N GLY A 3 -13.05 -2.79 1.42
CA GLY A 3 -12.52 -2.40 2.72
C GLY A 3 -11.61 -3.49 3.29
N PHE A 4 -11.94 -4.75 3.01
CA PHE A 4 -11.17 -5.88 3.47
C PHE A 4 -9.78 -5.89 2.82
N ILE A 5 -9.75 -5.74 1.49
CA ILE A 5 -8.49 -5.74 0.75
C ILE A 5 -7.66 -4.49 1.12
N ALA A 6 -8.30 -3.33 1.14
CA ALA A 6 -7.61 -2.07 1.45
C ALA A 6 -6.92 -2.11 2.80
N GLY A 7 -7.65 -2.53 3.83
CA GLY A 7 -7.09 -2.60 5.18
C GLY A 7 -5.92 -3.58 5.22
N LEU A 8 -6.00 -4.66 4.43
CA LEU A 8 -4.94 -5.67 4.41
C LEU A 8 -3.63 -5.11 3.84
N ILE A 9 -3.69 -4.43 2.69
CA ILE A 9 -2.46 -3.89 2.09
C ILE A 9 -1.94 -2.74 2.95
N ALA A 10 -2.85 -1.88 3.37
CA ALA A 10 -2.50 -0.72 4.19
C ALA A 10 -1.85 -1.10 5.52
N ILE A 11 -2.32 -2.17 6.18
CA ILE A 11 -1.73 -2.58 7.46
C ILE A 11 -0.34 -3.19 7.26
N VAL A 12 -0.16 -3.93 6.17
CA VAL A 12 1.13 -4.55 5.88
C VAL A 12 2.10 -3.47 5.38
N LEU A 13 1.60 -2.55 4.55
CA LEU A 13 2.42 -1.48 3.99
C LEU A 13 2.89 -0.50 5.07
N VAL A 14 2.00 -0.13 5.99
CA VAL A 14 2.41 0.78 7.09
C VAL A 14 3.53 0.09 7.88
N THR A 15 3.45 -1.25 8.00
CA THR A 15 4.48 -2.02 8.69
C THR A 15 5.83 -1.85 7.98
N ILE A 16 5.81 -1.77 6.63
CA ILE A 16 7.05 -1.60 5.87
C ILE A 16 7.75 -0.28 6.26
N LEU A 17 6.96 0.79 6.34
CA LEU A 17 7.50 2.10 6.69
C LEU A 17 8.00 2.15 8.14
N LEU A 18 7.18 1.66 9.06
CA LEU A 18 7.53 1.65 10.48
C LEU A 18 8.68 0.69 10.77
N SER A 19 8.75 -0.40 10.02
CA SER A 19 9.81 -1.41 10.20
C SER A 19 11.11 -0.99 9.49
N SER A 20 10.99 -0.22 8.42
CA SER A 20 12.17 0.24 7.66
C SER A 20 12.74 1.56 8.23
N THR A 21 12.23 1.99 9.39
CA THR A 21 12.69 3.22 10.03
C THR A 21 12.68 3.08 11.55
N TRP B 1 -6.77 -14.66 -6.07
CA TRP B 1 -7.37 -13.42 -6.56
C TRP B 1 -7.03 -12.26 -5.61
N LEU B 2 -7.57 -12.31 -4.38
CA LEU B 2 -7.31 -11.28 -3.38
C LEU B 2 -5.82 -11.24 -3.04
N GLY B 3 -5.25 -12.43 -2.84
CA GLY B 3 -3.82 -12.55 -2.51
C GLY B 3 -2.95 -11.95 -3.62
N PHE B 4 -3.38 -12.14 -4.87
CA PHE B 4 -2.65 -11.63 -6.03
C PHE B 4 -2.62 -10.10 -6.01
N ILE B 5 -3.77 -9.49 -5.71
CA ILE B 5 -3.88 -8.03 -5.68
C ILE B 5 -3.06 -7.48 -4.50
N ALA B 6 -3.20 -8.07 -3.33
CA ALA B 6 -2.50 -7.57 -2.15
C ALA B 6 -0.99 -7.51 -2.34
N GLY B 7 -0.40 -8.61 -2.76
CA GLY B 7 1.04 -8.66 -2.99
C GLY B 7 1.44 -7.65 -4.07
N LEU B 8 0.60 -7.55 -5.11
CA LEU B 8 0.86 -6.64 -6.22
C LEU B 8 0.83 -5.17 -5.78
N ILE B 9 -0.19 -4.77 -5.00
CA ILE B 9 -0.28 -3.38 -4.55
C ILE B 9 0.88 -3.10 -3.59
N ALA B 10 1.18 -4.07 -2.71
CA ALA B 10 2.26 -3.91 -1.75
C ALA B 10 3.62 -3.65 -2.41
N ILE B 11 3.96 -4.40 -3.46
CA ILE B 11 5.25 -4.21 -4.13
C ILE B 11 5.34 -2.83 -4.79
N VAL B 12 4.22 -2.32 -5.30
CA VAL B 12 4.19 -1.01 -5.95
C VAL B 12 4.50 0.09 -4.93
N LEU B 13 3.92 0.01 -3.72
CA LEU B 13 4.15 1.02 -2.69
C LEU B 13 5.60 1.00 -2.21
N VAL B 14 6.21 -0.20 -2.16
CA VAL B 14 7.61 -0.30 -1.76
C VAL B 14 8.44 0.50 -2.78
N THR B 15 7.99 0.49 -4.04
CA THR B 15 8.66 1.26 -5.09
C THR B 15 8.58 2.76 -4.77
N ILE B 16 7.43 3.20 -4.22
CA ILE B 16 7.26 4.62 -3.84
C ILE B 16 8.32 5.00 -2.80
N LEU B 17 8.52 4.12 -1.82
CA LEU B 17 9.48 4.34 -0.74
C LEU B 17 10.89 4.47 -1.31
N LEU B 18 11.24 3.55 -2.21
CA LEU B 18 12.56 3.54 -2.85
C LEU B 18 12.77 4.77 -3.73
N SER B 19 11.69 5.25 -4.34
CA SER B 19 11.75 6.41 -5.22
C SER B 19 11.71 7.73 -4.42
N SER B 20 11.08 7.70 -3.24
CA SER B 20 10.97 8.90 -2.39
C SER B 20 12.23 9.09 -1.54
N THR B 21 12.99 8.00 -1.30
CA THR B 21 14.21 8.06 -0.49
C THR B 21 13.90 8.63 0.90
N TRP C 1 -12.11 -2.38 -11.27
CA TRP C 1 -11.05 -3.27 -11.73
C TRP C 1 -10.03 -3.52 -10.61
N LEU C 2 -9.29 -4.62 -10.71
CA LEU C 2 -8.26 -4.94 -9.70
C LEU C 2 -7.29 -3.75 -9.56
N GLY C 3 -7.03 -3.08 -10.69
CA GLY C 3 -6.13 -1.93 -10.70
C GLY C 3 -6.77 -0.73 -9.99
N PHE C 4 -8.09 -0.60 -10.12
CA PHE C 4 -8.81 0.49 -9.48
C PHE C 4 -8.61 0.42 -7.97
N ILE C 5 -8.72 -0.78 -7.40
CA ILE C 5 -8.51 -0.96 -5.96
C ILE C 5 -7.04 -0.64 -5.62
N ALA C 6 -6.12 -1.09 -6.49
CA ALA C 6 -4.68 -0.86 -6.27
C ALA C 6 -4.34 0.61 -6.12
N GLY C 7 -4.78 1.40 -7.09
CA GLY C 7 -4.52 2.84 -7.09
C GLY C 7 -5.20 3.53 -5.91
N LEU C 8 -6.39 3.05 -5.55
CA LEU C 8 -7.16 3.62 -4.45
C LEU C 8 -6.46 3.41 -3.10
N ILE C 9 -6.04 2.17 -2.82
CA ILE C 9 -5.37 1.88 -1.56
C ILE C 9 -4.00 2.52 -1.56
N ALA C 10 -3.29 2.38 -2.68
CA ALA C 10 -1.95 2.94 -2.82
C ALA C 10 -1.95 4.45 -2.64
N ILE C 11 -2.90 5.18 -3.25
CA ILE C 11 -2.92 6.64 -3.13
C ILE C 11 -3.14 7.08 -1.68
N VAL C 12 -4.05 6.39 -0.96
CA VAL C 12 -4.31 6.72 0.44
C VAL C 12 -3.05 6.45 1.27
N LEU C 13 -2.37 5.35 0.96
CA LEU C 13 -1.16 4.97 1.68
C LEU C 13 -0.02 5.96 1.44
N VAL C 14 0.11 6.51 0.22
CA VAL C 14 1.17 7.51 -0.02
C VAL C 14 0.90 8.69 0.92
N THR C 15 -0.39 8.96 1.19
CA THR C 15 -0.78 10.00 2.14
C THR C 15 -0.23 9.63 3.52
N ILE C 16 -0.21 8.32 3.83
CA ILE C 16 0.29 7.82 5.12
C ILE C 16 1.77 8.23 5.28
N LEU C 17 2.52 8.20 4.16
CA LEU C 17 3.93 8.56 4.17
C LEU C 17 4.08 10.04 4.53
N LEU C 18 3.22 10.88 3.96
CA LEU C 18 3.26 12.32 4.23
C LEU C 18 3.03 12.59 5.71
N SER C 19 2.11 11.84 6.31
CA SER C 19 1.80 11.98 7.74
C SER C 19 3.02 11.65 8.59
N SER C 20 3.77 10.62 8.18
CA SER C 20 4.97 10.20 8.91
C SER C 20 6.23 10.97 8.46
N THR C 21 6.03 12.02 7.63
CA THR C 21 7.15 12.85 7.13
C THR C 21 8.11 12.02 6.28
N TRP A 1 -15.89 -6.26 0.83
CA TRP A 1 -14.80 -7.11 0.34
C TRP A 1 -13.65 -6.24 -0.16
N LEU A 2 -13.98 -5.20 -0.94
CA LEU A 2 -12.96 -4.29 -1.46
C LEU A 2 -12.31 -3.55 -0.30
N GLY A 3 -13.16 -3.04 0.59
CA GLY A 3 -12.69 -2.34 1.79
C GLY A 3 -11.89 -3.31 2.66
N PHE A 4 -12.29 -4.59 2.66
CA PHE A 4 -11.63 -5.62 3.43
C PHE A 4 -10.18 -5.76 2.93
N ILE A 5 -10.01 -5.78 1.61
CA ILE A 5 -8.68 -5.89 1.01
C ILE A 5 -7.89 -4.60 1.32
N ALA A 6 -8.54 -3.45 1.16
CA ALA A 6 -7.88 -2.16 1.40
C ALA A 6 -7.33 -2.06 2.80
N GLY A 7 -8.18 -2.34 3.78
CA GLY A 7 -7.77 -2.28 5.18
C GLY A 7 -6.68 -3.31 5.49
N LEU A 8 -6.83 -4.51 4.92
CA LEU A 8 -5.85 -5.59 5.14
C LEU A 8 -4.48 -5.27 4.56
N ILE A 9 -4.44 -4.83 3.30
CA ILE A 9 -3.15 -4.49 2.68
C ILE A 9 -2.59 -3.23 3.33
N ALA A 10 -3.47 -2.25 3.59
CA ALA A 10 -3.07 -0.99 4.18
C ALA A 10 -2.40 -1.17 5.54
N ILE A 11 -2.96 -2.01 6.42
CA ILE A 11 -2.35 -2.20 7.75
C ILE A 11 -1.00 -2.91 7.61
N VAL A 12 -0.93 -3.89 6.71
CA VAL A 12 0.32 -4.62 6.46
C VAL A 12 1.38 -3.66 5.89
N LEU A 13 0.94 -2.72 5.03
CA LEU A 13 1.87 -1.78 4.42
C LEU A 13 2.47 -0.81 5.47
N VAL A 14 1.68 -0.38 6.45
CA VAL A 14 2.22 0.51 7.49
C VAL A 14 3.35 -0.23 8.25
N THR A 15 3.21 -1.55 8.43
CA THR A 15 4.25 -2.34 9.14
C THR A 15 5.59 -2.32 8.38
N ILE A 16 5.56 -2.62 7.07
CA ILE A 16 6.80 -2.64 6.25
C ILE A 16 7.43 -1.24 6.26
N LEU A 17 6.61 -0.19 6.25
CA LEU A 17 7.10 1.18 6.27
C LEU A 17 7.89 1.45 7.55
N LEU A 18 7.34 1.02 8.68
CA LEU A 18 7.98 1.21 9.99
C LEU A 18 9.30 0.42 10.07
N SER A 19 9.35 -0.73 9.39
CA SER A 19 10.54 -1.58 9.39
C SER A 19 11.58 -1.07 8.37
N SER A 20 11.16 -0.23 7.42
CA SER A 20 12.06 0.31 6.40
C SER A 20 12.36 1.80 6.63
N THR A 21 12.01 2.33 7.81
CA THR A 21 12.24 3.74 8.12
C THR A 21 13.70 3.96 8.55
N TRP B 1 -5.96 -13.90 -6.54
CA TRP B 1 -6.44 -12.54 -6.81
C TRP B 1 -6.31 -11.65 -5.56
N LEU B 2 -6.85 -12.11 -4.43
CA LEU B 2 -6.78 -11.35 -3.17
C LEU B 2 -5.33 -11.24 -2.73
N GLY B 3 -4.62 -12.38 -2.69
CA GLY B 3 -3.22 -12.40 -2.30
C GLY B 3 -2.37 -11.69 -3.35
N PHE B 4 -2.76 -11.84 -4.62
CA PHE B 4 -2.05 -11.21 -5.73
C PHE B 4 -2.15 -9.69 -5.64
N ILE B 5 -3.33 -9.18 -5.29
CA ILE B 5 -3.54 -7.74 -5.18
C ILE B 5 -2.70 -7.18 -4.02
N ALA B 6 -2.71 -7.86 -2.87
CA ALA B 6 -1.97 -7.39 -1.70
C ALA B 6 -0.49 -7.22 -1.99
N GLY B 7 0.13 -8.25 -2.54
CA GLY B 7 1.55 -8.22 -2.86
C GLY B 7 1.84 -7.22 -3.99
N LEU B 8 0.94 -7.14 -4.96
CA LEU B 8 1.11 -6.24 -6.11
C LEU B 8 1.06 -4.76 -5.69
N ILE B 9 0.04 -4.38 -4.91
CA ILE B 9 -0.08 -2.98 -4.50
C ILE B 9 1.03 -2.66 -3.50
N ALA B 10 1.28 -3.61 -2.59
CA ALA B 10 2.31 -3.44 -1.58
C ALA B 10 3.70 -3.22 -2.20
N ILE B 11 4.08 -4.02 -3.22
CA ILE B 11 5.39 -3.87 -3.84
C ILE B 11 5.53 -2.51 -4.53
N VAL B 12 4.44 -2.03 -5.14
CA VAL B 12 4.46 -0.73 -5.82
C VAL B 12 4.63 0.40 -4.79
N LEU B 13 3.99 0.27 -3.63
CA LEU B 13 4.07 1.30 -2.59
C LEU B 13 5.48 1.40 -2.00
N VAL B 14 6.15 0.25 -1.75
CA VAL B 14 7.52 0.29 -1.24
C VAL B 14 8.39 1.00 -2.29
N THR B 15 8.06 0.83 -3.57
CA THR B 15 8.77 1.48 -4.66
C THR B 15 8.65 3.01 -4.53
N ILE B 16 7.47 3.49 -4.07
CA ILE B 16 7.26 4.94 -3.90
C ILE B 16 8.27 5.49 -2.89
N LEU B 17 8.42 4.78 -1.77
CA LEU B 17 9.35 5.21 -0.71
C LEU B 17 10.79 5.17 -1.21
N LEU B 18 11.15 4.08 -1.87
CA LEU B 18 12.50 3.89 -2.40
C LEU B 18 12.75 4.76 -3.65
N SER B 19 11.67 5.26 -4.27
CA SER B 19 11.77 6.10 -5.46
C SER B 19 12.00 7.57 -5.07
N SER B 20 11.55 7.97 -3.88
CA SER B 20 11.72 9.35 -3.41
C SER B 20 13.11 9.58 -2.79
N THR B 21 13.90 8.51 -2.63
CA THR B 21 15.25 8.63 -2.05
C THR B 21 16.03 7.32 -2.24
N TRP C 1 -10.83 -3.45 -12.40
CA TRP C 1 -11.02 -3.99 -11.05
C TRP C 1 -9.70 -3.95 -10.27
N LEU C 2 -8.66 -4.53 -10.85
CA LEU C 2 -7.34 -4.57 -10.21
C LEU C 2 -6.80 -3.15 -10.05
N GLY C 3 -6.84 -2.38 -11.14
CA GLY C 3 -6.35 -1.01 -11.13
C GLY C 3 -7.16 -0.14 -10.17
N PHE C 4 -8.47 -0.45 -10.04
CA PHE C 4 -9.35 0.31 -9.18
C PHE C 4 -8.96 0.12 -7.69
N ILE C 5 -8.78 -1.14 -7.28
CA ILE C 5 -8.41 -1.43 -5.89
C ILE C 5 -6.97 -0.95 -5.62
N ALA C 6 -6.07 -1.18 -6.57
CA ALA C 6 -4.66 -0.80 -6.41
C ALA C 6 -4.47 0.70 -6.31
N GLY C 7 -5.29 1.44 -7.03
CA GLY C 7 -5.19 2.89 -7.04
C GLY C 7 -5.74 3.52 -5.75
N LEU C 8 -6.91 3.06 -5.28
CA LEU C 8 -7.49 3.63 -4.07
C LEU C 8 -6.66 3.31 -2.82
N ILE C 9 -6.19 2.07 -2.69
CA ILE C 9 -5.39 1.71 -1.51
C ILE C 9 -4.03 2.40 -1.57
N ALA C 10 -3.45 2.43 -2.77
CA ALA C 10 -2.13 3.04 -2.97
C ALA C 10 -2.15 4.54 -2.66
N ILE C 11 -3.17 5.26 -3.14
CA ILE C 11 -3.24 6.71 -2.90
C ILE C 11 -3.33 6.99 -1.39
N VAL C 12 -4.09 6.17 -0.67
CA VAL C 12 -4.23 6.35 0.77
C VAL C 12 -2.89 6.06 1.47
N LEU C 13 -2.23 4.98 1.07
CA LEU C 13 -0.96 4.60 1.65
C LEU C 13 0.15 5.61 1.34
N VAL C 14 0.13 6.19 0.13
CA VAL C 14 1.12 7.21 -0.22
C VAL C 14 0.97 8.39 0.77
N THR C 15 -0.27 8.68 1.19
CA THR C 15 -0.50 9.76 2.17
C THR C 15 0.18 9.41 3.50
N ILE C 16 0.16 8.11 3.86
CA ILE C 16 0.81 7.67 5.12
C ILE C 16 2.30 8.02 5.07
N LEU C 17 2.92 7.78 3.91
CA LEU C 17 4.35 8.06 3.73
C LEU C 17 4.64 9.55 3.93
N LEU C 18 3.78 10.40 3.37
CA LEU C 18 3.94 11.85 3.49
C LEU C 18 3.56 12.34 4.89
N SER C 19 2.64 11.62 5.54
CA SER C 19 2.18 11.98 6.89
C SER C 19 3.22 11.59 7.96
N SER C 20 4.06 10.59 7.64
CA SER C 20 5.08 10.12 8.59
C SER C 20 6.42 10.88 8.41
N THR C 21 6.40 11.99 7.65
CA THR C 21 7.60 12.78 7.42
C THR C 21 7.68 13.94 8.42
N TRP A 1 -16.06 -5.95 1.15
CA TRP A 1 -15.19 -6.77 0.32
C TRP A 1 -13.97 -5.97 -0.15
N LEU A 2 -14.21 -4.95 -0.98
CA LEU A 2 -13.14 -4.10 -1.49
C LEU A 2 -12.50 -3.31 -0.34
N GLY A 3 -13.32 -2.89 0.63
CA GLY A 3 -12.83 -2.16 1.80
C GLY A 3 -11.94 -3.08 2.66
N PHE A 4 -12.32 -4.36 2.74
CA PHE A 4 -11.57 -5.34 3.52
C PHE A 4 -10.13 -5.43 2.99
N ILE A 5 -9.99 -5.52 1.67
CA ILE A 5 -8.67 -5.61 1.05
C ILE A 5 -7.86 -4.32 1.34
N ALA A 6 -8.50 -3.16 1.22
CA ALA A 6 -7.83 -1.89 1.45
C ALA A 6 -7.23 -1.81 2.85
N GLY A 7 -8.05 -2.08 3.85
CA GLY A 7 -7.60 -2.04 5.23
C GLY A 7 -6.53 -3.09 5.49
N LEU A 8 -6.69 -4.27 4.89
CA LEU A 8 -5.74 -5.36 5.07
C LEU A 8 -4.36 -5.04 4.47
N ILE A 9 -4.33 -4.58 3.22
CA ILE A 9 -3.05 -4.24 2.59
C ILE A 9 -2.47 -3.00 3.26
N ALA A 10 -3.33 -2.01 3.50
CA ALA A 10 -2.91 -0.76 4.12
C ALA A 10 -2.29 -0.97 5.51
N ILE A 11 -2.92 -1.80 6.36
CA ILE A 11 -2.37 -2.02 7.71
C ILE A 11 -1.02 -2.75 7.65
N VAL A 12 -0.92 -3.74 6.75
CA VAL A 12 0.32 -4.49 6.59
C VAL A 12 1.45 -3.57 6.08
N LEU A 13 1.11 -2.65 5.17
CA LEU A 13 2.12 -1.75 4.61
C LEU A 13 2.66 -0.77 5.65
N VAL A 14 1.80 -0.30 6.57
CA VAL A 14 2.27 0.60 7.63
C VAL A 14 3.32 -0.17 8.46
N THR A 15 3.12 -1.49 8.59
CA THR A 15 4.03 -2.35 9.33
C THR A 15 5.38 -2.47 8.59
N ILE A 16 5.34 -2.66 7.25
CA ILE A 16 6.58 -2.80 6.48
C ILE A 16 7.35 -1.47 6.43
N LEU A 17 6.62 -0.36 6.33
CA LEU A 17 7.23 0.97 6.27
C LEU A 17 8.00 1.27 7.55
N LEU A 18 7.40 0.96 8.70
CA LEU A 18 8.06 1.19 10.00
C LEU A 18 9.27 0.28 10.15
N SER A 19 9.13 -0.96 9.72
CA SER A 19 10.21 -1.95 9.80
C SER A 19 11.42 -1.48 8.99
N SER A 20 11.17 -0.80 7.87
CA SER A 20 12.24 -0.30 7.01
C SER A 20 12.79 1.03 7.53
N THR A 21 11.91 1.86 8.11
CA THR A 21 12.30 3.17 8.67
C THR A 21 12.85 4.07 7.56
N TRP B 1 -6.76 -13.47 -5.14
CA TRP B 1 -7.15 -12.08 -5.38
C TRP B 1 -6.54 -11.16 -4.34
N LEU B 2 -6.69 -11.52 -3.06
CA LEU B 2 -6.15 -10.72 -1.96
C LEU B 2 -4.62 -10.75 -1.97
N GLY B 3 -4.05 -11.92 -2.25
CA GLY B 3 -2.60 -12.08 -2.31
C GLY B 3 -2.01 -11.36 -3.52
N PHE B 4 -2.71 -11.46 -4.65
CA PHE B 4 -2.27 -10.82 -5.87
C PHE B 4 -2.37 -9.29 -5.75
N ILE B 5 -3.51 -8.82 -5.24
CA ILE B 5 -3.73 -7.38 -5.06
C ILE B 5 -2.79 -6.83 -3.96
N ALA B 6 -2.70 -7.54 -2.83
CA ALA B 6 -1.84 -7.10 -1.72
C ALA B 6 -0.40 -6.91 -2.15
N GLY B 7 0.14 -7.90 -2.83
CA GLY B 7 1.53 -7.85 -3.29
C GLY B 7 1.73 -6.72 -4.31
N LEU B 8 0.73 -6.51 -5.16
CA LEU B 8 0.80 -5.48 -6.20
C LEU B 8 0.82 -4.07 -5.61
N ILE B 9 -0.10 -3.76 -4.70
CA ILE B 9 -0.14 -2.42 -4.10
C ILE B 9 1.07 -2.23 -3.17
N ALA B 10 1.42 -3.30 -2.46
CA ALA B 10 2.54 -3.27 -1.53
C ALA B 10 3.87 -3.04 -2.25
N ILE B 11 4.08 -3.71 -3.41
CA ILE B 11 5.34 -3.56 -4.13
C ILE B 11 5.48 -2.16 -4.76
N VAL B 12 4.37 -1.61 -5.28
CA VAL B 12 4.41 -0.29 -5.88
C VAL B 12 4.66 0.79 -4.81
N LEU B 13 4.13 0.59 -3.60
CA LEU B 13 4.32 1.56 -2.51
C LEU B 13 5.78 1.62 -2.07
N VAL B 14 6.43 0.46 -1.95
CA VAL B 14 7.84 0.45 -1.58
C VAL B 14 8.65 1.17 -2.67
N THR B 15 8.18 1.05 -3.92
CA THR B 15 8.84 1.70 -5.06
C THR B 15 8.82 3.22 -4.95
N ILE B 16 7.66 3.81 -4.60
CA ILE B 16 7.56 5.28 -4.48
C ILE B 16 8.43 5.80 -3.33
N LEU B 17 8.48 5.04 -2.23
CA LEU B 17 9.29 5.44 -1.08
C LEU B 17 10.76 5.49 -1.47
N LEU B 18 11.22 4.44 -2.14
CA LEU B 18 12.61 4.35 -2.60
C LEU B 18 12.92 5.46 -3.62
N SER B 19 11.93 5.77 -4.44
CA SER B 19 12.07 6.81 -5.47
C SER B 19 12.40 8.16 -4.82
N SER B 20 11.75 8.44 -3.69
CA SER B 20 11.96 9.70 -2.97
C SER B 20 13.21 9.64 -2.07
N THR B 21 13.70 8.42 -1.80
CA THR B 21 14.90 8.23 -0.97
C THR B 21 15.74 7.07 -1.49
N TRP C 1 -11.58 -3.12 -12.19
CA TRP C 1 -12.12 -3.55 -10.90
C TRP C 1 -10.96 -3.83 -9.93
N LEU C 2 -10.08 -4.76 -10.32
CA LEU C 2 -8.92 -5.12 -9.52
C LEU C 2 -7.93 -3.95 -9.51
N GLY C 3 -7.67 -3.42 -10.70
CA GLY C 3 -6.76 -2.28 -10.84
C GLY C 3 -7.31 -1.07 -10.08
N PHE C 4 -8.65 -0.96 -10.06
CA PHE C 4 -9.32 0.14 -9.36
C PHE C 4 -8.97 0.10 -7.87
N ILE C 5 -9.11 -1.08 -7.25
CA ILE C 5 -8.81 -1.23 -5.85
C ILE C 5 -7.30 -1.07 -5.61
N ALA C 6 -6.49 -1.63 -6.51
CA ALA C 6 -5.03 -1.57 -6.35
C ALA C 6 -4.50 -0.14 -6.29
N GLY C 7 -4.88 0.66 -7.25
CA GLY C 7 -4.43 2.05 -7.34
C GLY C 7 -5.05 2.92 -6.24
N LEU C 8 -6.31 2.63 -5.88
CA LEU C 8 -6.99 3.42 -4.85
C LEU C 8 -6.33 3.26 -3.49
N ILE C 9 -6.00 2.03 -3.13
CA ILE C 9 -5.35 1.79 -1.83
C ILE C 9 -3.93 2.35 -1.86
N ALA C 10 -3.25 2.20 -3.00
CA ALA C 10 -1.87 2.68 -3.16
C ALA C 10 -1.77 4.20 -2.94
N ILE C 11 -2.69 4.98 -3.54
CA ILE C 11 -2.64 6.44 -3.39
C ILE C 11 -2.92 6.83 -1.93
N VAL C 12 -3.91 6.16 -1.30
CA VAL C 12 -4.23 6.44 0.10
C VAL C 12 -3.02 6.06 0.97
N LEU C 13 -2.34 4.98 0.60
CA LEU C 13 -1.17 4.51 1.34
C LEU C 13 -0.01 5.51 1.22
N VAL C 14 0.13 6.16 0.06
CA VAL C 14 1.17 7.18 -0.11
C VAL C 14 0.91 8.31 0.91
N THR C 15 -0.37 8.58 1.19
CA THR C 15 -0.77 9.63 2.13
C THR C 15 -0.24 9.31 3.54
N ILE C 16 -0.50 8.09 4.03
CA ILE C 16 -0.02 7.67 5.36
C ILE C 16 1.52 7.55 5.34
N LEU C 17 2.06 7.07 4.21
CA LEU C 17 3.49 6.89 4.05
C LEU C 17 4.20 8.24 4.18
N LEU C 18 3.63 9.27 3.54
CA LEU C 18 4.18 10.62 3.59
C LEU C 18 4.00 11.24 4.98
N SER C 19 2.88 10.93 5.62
CA SER C 19 2.58 11.46 6.95
C SER C 19 3.45 10.81 8.03
N SER C 20 3.81 9.53 7.82
CA SER C 20 4.63 8.80 8.77
C SER C 20 6.12 9.00 8.49
N THR C 21 6.47 9.08 7.20
CA THR C 21 7.87 9.27 6.80
C THR C 21 8.04 10.58 6.02
N TRP A 1 -15.19 -6.52 1.60
CA TRP A 1 -14.47 -7.00 0.40
C TRP A 1 -13.49 -5.92 -0.10
N LEU A 2 -14.00 -4.87 -0.75
CA LEU A 2 -13.15 -3.78 -1.23
C LEU A 2 -12.46 -3.13 -0.04
N GLY A 3 -13.26 -2.79 0.97
CA GLY A 3 -12.73 -2.20 2.21
C GLY A 3 -11.83 -3.19 2.93
N PHE A 4 -12.16 -4.48 2.83
CA PHE A 4 -11.40 -5.54 3.46
C PHE A 4 -9.98 -5.62 2.85
N ILE A 5 -9.91 -5.51 1.52
CA ILE A 5 -8.64 -5.56 0.80
C ILE A 5 -7.79 -4.33 1.15
N ALA A 6 -8.40 -3.15 1.13
CA ALA A 6 -7.68 -1.91 1.43
C ALA A 6 -7.12 -1.91 2.84
N GLY A 7 -7.98 -2.22 3.78
CA GLY A 7 -7.60 -2.25 5.19
C GLY A 7 -6.56 -3.34 5.45
N LEU A 8 -6.75 -4.53 4.89
CA LEU A 8 -5.82 -5.63 5.10
C LEU A 8 -4.44 -5.34 4.49
N ILE A 9 -4.40 -4.88 3.23
CA ILE A 9 -3.12 -4.61 2.60
C ILE A 9 -2.47 -3.39 3.26
N ALA A 10 -3.28 -2.35 3.51
CA ALA A 10 -2.78 -1.13 4.14
C ALA A 10 -2.19 -1.44 5.52
N ILE A 11 -2.82 -2.35 6.26
CA ILE A 11 -2.34 -2.72 7.60
C ILE A 11 -0.95 -3.37 7.50
N VAL A 12 -0.78 -4.26 6.52
CA VAL A 12 0.51 -4.93 6.33
C VAL A 12 1.55 -3.95 5.77
N LEU A 13 1.11 -3.09 4.86
CA LEU A 13 2.00 -2.11 4.23
C LEU A 13 2.49 -1.05 5.21
N VAL A 14 1.62 -0.53 6.08
CA VAL A 14 2.05 0.45 7.07
C VAL A 14 3.11 -0.20 7.97
N THR A 15 2.97 -1.50 8.23
CA THR A 15 3.94 -2.23 9.07
C THR A 15 5.33 -2.25 8.41
N ILE A 16 5.40 -2.58 7.10
CA ILE A 16 6.70 -2.64 6.40
C ILE A 16 7.28 -1.22 6.25
N LEU A 17 6.41 -0.24 6.02
CA LEU A 17 6.84 1.15 5.86
C LEU A 17 7.50 1.65 7.14
N LEU A 18 6.86 1.41 8.28
CA LEU A 18 7.39 1.84 9.57
C LEU A 18 8.68 1.08 9.93
N SER A 19 8.71 -0.21 9.60
CA SER A 19 9.87 -1.05 9.89
C SER A 19 11.07 -0.66 9.00
N SER A 20 10.80 -0.21 7.78
CA SER A 20 11.87 0.18 6.86
C SER A 20 12.29 1.64 7.08
N THR A 21 11.33 2.49 7.44
CA THR A 21 11.61 3.90 7.67
C THR A 21 12.13 4.12 9.09
N TRP B 1 -5.56 -14.92 -5.48
CA TRP B 1 -6.47 -13.76 -5.56
C TRP B 1 -6.05 -12.66 -4.56
N LEU B 2 -6.10 -12.99 -3.27
CA LEU B 2 -5.75 -12.03 -2.21
C LEU B 2 -4.28 -11.64 -2.31
N GLY B 3 -3.42 -12.65 -2.40
CA GLY B 3 -1.98 -12.42 -2.50
C GLY B 3 -1.63 -11.61 -3.74
N PHE B 4 -2.40 -11.80 -4.82
CA PHE B 4 -2.14 -11.09 -6.06
C PHE B 4 -2.37 -9.59 -5.91
N ILE B 5 -3.53 -9.20 -5.36
CA ILE B 5 -3.84 -7.78 -5.16
C ILE B 5 -2.93 -7.19 -4.07
N ALA B 6 -2.74 -7.91 -2.96
CA ALA B 6 -1.91 -7.41 -1.86
C ALA B 6 -0.46 -7.27 -2.27
N GLY B 7 0.05 -8.32 -2.88
CA GLY B 7 1.44 -8.34 -3.31
C GLY B 7 1.71 -7.28 -4.38
N LEU B 8 0.78 -7.13 -5.33
CA LEU B 8 0.94 -6.16 -6.41
C LEU B 8 0.93 -4.71 -5.91
N ILE B 9 -0.08 -4.35 -5.10
CA ILE B 9 -0.16 -2.97 -4.59
C ILE B 9 0.99 -2.72 -3.62
N ALA B 10 1.29 -3.72 -2.80
CA ALA B 10 2.36 -3.61 -1.82
C ALA B 10 3.72 -3.34 -2.48
N ILE B 11 4.06 -4.05 -3.56
CA ILE B 11 5.35 -3.84 -4.23
C ILE B 11 5.46 -2.43 -4.81
N VAL B 12 4.34 -1.89 -5.29
CA VAL B 12 4.32 -0.55 -5.88
C VAL B 12 4.62 0.51 -4.79
N LEU B 13 4.03 0.34 -3.60
CA LEU B 13 4.22 1.31 -2.51
C LEU B 13 5.66 1.31 -2.00
N VAL B 14 6.27 0.12 -1.85
CA VAL B 14 7.66 0.04 -1.41
C VAL B 14 8.53 0.77 -2.46
N THR B 15 8.12 0.69 -3.73
CA THR B 15 8.84 1.38 -4.81
C THR B 15 8.79 2.90 -4.57
N ILE B 16 7.66 3.41 -4.05
CA ILE B 16 7.51 4.84 -3.78
C ILE B 16 8.58 5.30 -2.77
N LEU B 17 8.76 4.51 -1.71
CA LEU B 17 9.75 4.83 -0.66
C LEU B 17 11.17 4.79 -1.24
N LEU B 18 11.47 3.70 -1.97
CA LEU B 18 12.78 3.51 -2.57
C LEU B 18 13.08 4.60 -3.59
N SER B 19 12.05 5.01 -4.34
CA SER B 19 12.19 6.05 -5.36
C SER B 19 12.48 7.41 -4.72
N SER B 20 11.88 7.65 -3.54
CA SER B 20 12.07 8.92 -2.82
C SER B 20 13.37 8.92 -2.00
N THR B 21 14.25 7.93 -2.23
CA THR B 21 15.51 7.84 -1.51
C THR B 21 15.30 7.84 0.01
N TRP C 1 -11.60 -2.70 -12.21
CA TRP C 1 -11.99 -3.27 -10.91
C TRP C 1 -10.74 -3.42 -10.02
N LEU C 2 -9.83 -4.32 -10.39
CA LEU C 2 -8.61 -4.55 -9.63
C LEU C 2 -7.75 -3.28 -9.67
N GLY C 3 -7.57 -2.73 -10.87
CA GLY C 3 -6.79 -1.51 -11.04
C GLY C 3 -7.35 -0.38 -10.17
N PHE C 4 -8.67 -0.37 -10.01
CA PHE C 4 -9.34 0.65 -9.22
C PHE C 4 -8.93 0.54 -7.75
N ILE C 5 -8.95 -0.69 -7.20
CA ILE C 5 -8.57 -0.90 -5.81
C ILE C 5 -7.08 -0.53 -5.60
N ALA C 6 -6.22 -0.99 -6.50
CA ALA C 6 -4.78 -0.73 -6.39
C ALA C 6 -4.46 0.76 -6.31
N GLY C 7 -5.22 1.56 -7.03
CA GLY C 7 -5.01 3.00 -7.06
C GLY C 7 -5.52 3.65 -5.77
N LEU C 8 -6.71 3.23 -5.32
CA LEU C 8 -7.31 3.78 -4.10
C LEU C 8 -6.48 3.42 -2.85
N ILE C 9 -6.05 2.16 -2.74
CA ILE C 9 -5.25 1.76 -1.57
C ILE C 9 -3.87 2.42 -1.65
N ALA C 10 -3.30 2.46 -2.85
CA ALA C 10 -1.99 3.05 -3.08
C ALA C 10 -1.98 4.55 -2.72
N ILE C 11 -2.99 5.30 -3.16
CA ILE C 11 -3.04 6.73 -2.87
C ILE C 11 -3.18 6.98 -1.37
N VAL C 12 -3.94 6.12 -0.68
CA VAL C 12 -4.13 6.25 0.77
C VAL C 12 -2.83 5.92 1.49
N LEU C 13 -2.14 4.86 1.07
CA LEU C 13 -0.90 4.45 1.70
C LEU C 13 0.21 5.48 1.49
N VAL C 14 0.27 6.08 0.28
CA VAL C 14 1.27 7.14 0.02
C VAL C 14 1.00 8.31 0.99
N THR C 15 -0.29 8.54 1.31
CA THR C 15 -0.68 9.59 2.26
C THR C 15 -0.04 9.30 3.62
N ILE C 16 0.04 8.01 4.00
CA ILE C 16 0.66 7.63 5.27
C ILE C 16 2.12 8.07 5.25
N LEU C 17 2.79 7.85 4.11
CA LEU C 17 4.18 8.24 3.93
C LEU C 17 4.36 9.75 4.07
N LEU C 18 3.50 10.49 3.38
CA LEU C 18 3.52 11.96 3.40
C LEU C 18 3.10 12.52 4.76
N SER C 19 2.29 11.76 5.50
CA SER C 19 1.82 12.19 6.82
C SER C 19 2.93 12.05 7.87
N SER C 20 3.74 11.00 7.74
CA SER C 20 4.84 10.76 8.68
C SER C 20 6.08 11.57 8.28
N THR C 21 6.33 11.68 6.96
CA THR C 21 7.48 12.41 6.46
C THR C 21 7.05 13.77 5.90
N TRP A 1 -14.29 -8.02 1.39
CA TRP A 1 -14.91 -6.81 0.88
C TRP A 1 -13.82 -5.90 0.30
N LEU A 2 -14.21 -4.94 -0.54
CA LEU A 2 -13.26 -4.03 -1.16
C LEU A 2 -12.49 -3.26 -0.08
N GLY A 3 -13.21 -2.78 0.92
CA GLY A 3 -12.61 -2.03 2.01
C GLY A 3 -11.74 -2.94 2.88
N PHE A 4 -12.14 -4.20 3.03
CA PHE A 4 -11.42 -5.16 3.84
C PHE A 4 -10.01 -5.38 3.27
N ILE A 5 -9.89 -5.51 1.94
CA ILE A 5 -8.59 -5.70 1.31
C ILE A 5 -7.75 -4.41 1.46
N ALA A 6 -8.40 -3.26 1.34
CA ALA A 6 -7.72 -1.97 1.45
C ALA A 6 -7.01 -1.82 2.79
N GLY A 7 -7.75 -2.04 3.86
CA GLY A 7 -7.21 -1.91 5.21
C GLY A 7 -6.11 -2.93 5.48
N LEU A 8 -6.31 -4.16 5.00
CA LEU A 8 -5.33 -5.23 5.21
C LEU A 8 -4.01 -4.97 4.49
N ILE A 9 -4.07 -4.55 3.23
CA ILE A 9 -2.83 -4.28 2.48
C ILE A 9 -2.15 -3.04 3.05
N ALA A 10 -2.95 -2.00 3.34
CA ALA A 10 -2.40 -0.76 3.89
C ALA A 10 -1.72 -0.97 5.24
N ILE A 11 -2.34 -1.76 6.15
CA ILE A 11 -1.75 -1.98 7.47
C ILE A 11 -0.41 -2.75 7.35
N VAL A 12 -0.37 -3.73 6.44
CA VAL A 12 0.86 -4.52 6.23
C VAL A 12 1.97 -3.60 5.68
N LEU A 13 1.59 -2.67 4.80
CA LEU A 13 2.55 -1.75 4.20
C LEU A 13 3.16 -0.81 5.24
N VAL A 14 2.35 -0.29 6.16
CA VAL A 14 2.87 0.59 7.22
C VAL A 14 3.90 -0.20 8.05
N THR A 15 3.65 -1.51 8.20
CA THR A 15 4.55 -2.39 8.95
C THR A 15 5.92 -2.48 8.28
N ILE A 16 5.95 -2.64 6.94
CA ILE A 16 7.23 -2.76 6.21
C ILE A 16 8.05 -1.47 6.40
N LEU A 17 7.37 -0.32 6.43
CA LEU A 17 8.05 0.96 6.61
C LEU A 17 8.80 0.99 7.95
N LEU A 18 8.11 0.58 9.02
CA LEU A 18 8.71 0.54 10.36
C LEU A 18 9.84 -0.50 10.41
N SER A 19 9.61 -1.63 9.75
CA SER A 19 10.60 -2.71 9.71
C SER A 19 11.85 -2.30 8.95
N SER A 20 11.67 -1.46 7.92
CA SER A 20 12.78 -0.98 7.09
C SER A 20 13.51 0.20 7.75
N THR A 21 12.77 0.99 8.54
CA THR A 21 13.34 2.16 9.23
C THR A 21 13.84 1.77 10.63
N TRP B 1 -5.89 -14.81 -5.22
CA TRP B 1 -6.66 -13.62 -5.58
C TRP B 1 -6.33 -12.44 -4.66
N LEU B 2 -6.70 -12.56 -3.38
CA LEU B 2 -6.43 -11.51 -2.38
C LEU B 2 -4.93 -11.31 -2.22
N GLY B 3 -4.20 -12.43 -2.14
CA GLY B 3 -2.75 -12.39 -1.98
C GLY B 3 -2.09 -11.71 -3.18
N PHE B 4 -2.68 -11.88 -4.37
CA PHE B 4 -2.15 -11.28 -5.58
C PHE B 4 -2.29 -9.76 -5.53
N ILE B 5 -3.46 -9.30 -5.10
CA ILE B 5 -3.73 -7.86 -5.00
C ILE B 5 -2.81 -7.23 -3.93
N ALA B 6 -2.70 -7.87 -2.78
CA ALA B 6 -1.87 -7.36 -1.69
C ALA B 6 -0.42 -7.23 -2.11
N GLY B 7 0.11 -8.30 -2.66
CA GLY B 7 1.50 -8.32 -3.11
C GLY B 7 1.73 -7.35 -4.25
N LEU B 8 0.82 -7.31 -5.23
CA LEU B 8 0.98 -6.42 -6.37
C LEU B 8 0.91 -4.96 -5.97
N ILE B 9 -0.09 -4.57 -5.16
CA ILE B 9 -0.21 -3.18 -4.74
C ILE B 9 0.93 -2.83 -3.78
N ALA B 10 1.21 -3.73 -2.85
CA ALA B 10 2.28 -3.52 -1.88
C ALA B 10 3.63 -3.39 -2.58
N ILE B 11 3.85 -4.19 -3.63
CA ILE B 11 5.10 -4.15 -4.37
C ILE B 11 5.29 -2.77 -5.03
N VAL B 12 4.22 -2.23 -5.60
CA VAL B 12 4.29 -0.93 -6.26
C VAL B 12 4.45 0.18 -5.20
N LEU B 13 3.72 0.05 -4.08
CA LEU B 13 3.78 1.05 -3.02
C LEU B 13 5.14 1.07 -2.32
N VAL B 14 5.74 -0.09 -2.05
CA VAL B 14 7.07 -0.10 -1.43
C VAL B 14 8.06 0.59 -2.37
N THR B 15 7.84 0.43 -3.68
CA THR B 15 8.70 1.07 -4.69
C THR B 15 8.66 2.60 -4.58
N ILE B 16 7.45 3.18 -4.44
CA ILE B 16 7.32 4.65 -4.35
C ILE B 16 8.05 5.17 -3.11
N LEU B 17 7.93 4.42 -2.00
CA LEU B 17 8.58 4.79 -0.75
C LEU B 17 10.10 4.75 -0.91
N LEU B 18 10.60 3.70 -1.57
CA LEU B 18 12.04 3.54 -1.80
C LEU B 18 12.58 4.72 -2.62
N SER B 19 11.81 5.14 -3.61
CA SER B 19 12.20 6.25 -4.47
C SER B 19 12.32 7.55 -3.66
N SER B 20 11.39 7.75 -2.74
CA SER B 20 11.38 8.94 -1.88
C SER B 20 12.26 8.76 -0.63
N THR B 21 12.69 7.52 -0.37
CA THR B 21 13.54 7.22 0.81
C THR B 21 12.96 7.85 2.08
N TRP C 1 -10.41 -2.78 -13.33
CA TRP C 1 -10.78 -3.48 -12.11
C TRP C 1 -9.62 -3.51 -11.11
N LEU C 2 -8.53 -4.19 -11.48
CA LEU C 2 -7.34 -4.28 -10.63
C LEU C 2 -6.79 -2.88 -10.34
N GLY C 3 -6.69 -2.07 -11.39
CA GLY C 3 -6.18 -0.71 -11.26
C GLY C 3 -7.00 0.10 -10.25
N PHE C 4 -8.31 -0.21 -10.17
CA PHE C 4 -9.20 0.50 -9.24
C PHE C 4 -8.84 0.20 -7.79
N ILE C 5 -8.66 -1.08 -7.46
CA ILE C 5 -8.31 -1.48 -6.10
C ILE C 5 -6.88 -1.02 -5.76
N ALA C 6 -5.97 -1.14 -6.73
CA ALA C 6 -4.57 -0.74 -6.51
C ALA C 6 -4.45 0.76 -6.34
N GLY C 7 -5.05 1.49 -7.25
CA GLY C 7 -5.01 2.94 -7.23
C GLY C 7 -5.69 3.51 -5.99
N LEU C 8 -6.83 2.92 -5.60
CA LEU C 8 -7.57 3.40 -4.44
C LEU C 8 -6.79 3.18 -3.15
N ILE C 9 -6.28 1.96 -2.94
CA ILE C 9 -5.54 1.68 -1.72
C ILE C 9 -4.21 2.43 -1.74
N ALA C 10 -3.56 2.44 -2.92
CA ALA C 10 -2.28 3.11 -3.08
C ALA C 10 -2.39 4.61 -2.78
N ILE C 11 -3.44 5.28 -3.29
CA ILE C 11 -3.58 6.72 -3.05
C ILE C 11 -3.71 7.00 -1.54
N VAL C 12 -4.36 6.08 -0.81
CA VAL C 12 -4.52 6.24 0.65
C VAL C 12 -3.17 6.10 1.35
N LEU C 13 -2.35 5.13 0.91
CA LEU C 13 -1.04 4.91 1.52
C LEU C 13 -0.08 6.07 1.26
N VAL C 14 -0.14 6.66 0.07
CA VAL C 14 0.71 7.82 -0.22
C VAL C 14 0.32 8.96 0.75
N THR C 15 -0.97 9.02 1.12
CA THR C 15 -1.46 10.03 2.04
C THR C 15 -0.81 9.86 3.43
N ILE C 16 -0.85 8.63 3.99
CA ILE C 16 -0.25 8.39 5.31
C ILE C 16 1.27 8.57 5.23
N LEU C 17 1.86 8.15 4.11
CA LEU C 17 3.30 8.26 3.89
C LEU C 17 3.75 9.73 3.94
N LEU C 18 3.02 10.59 3.23
CA LEU C 18 3.35 12.02 3.18
C LEU C 18 3.12 12.67 4.54
N SER C 19 2.03 12.30 5.19
CA SER C 19 1.67 12.84 6.51
C SER C 19 2.69 12.42 7.57
N SER C 20 3.17 11.17 7.48
CA SER C 20 4.14 10.64 8.43
C SER C 20 5.59 10.96 8.01
N THR C 21 5.78 11.57 6.83
CA THR C 21 7.11 11.92 6.31
C THR C 21 8.15 10.81 6.56
N TRP A 1 -15.31 -7.51 1.03
CA TRP A 1 -15.53 -6.37 0.15
C TRP A 1 -14.22 -5.61 -0.14
N LEU A 2 -14.31 -4.60 -1.00
CA LEU A 2 -13.15 -3.78 -1.37
C LEU A 2 -12.50 -3.20 -0.13
N GLY A 3 -13.32 -2.78 0.84
CA GLY A 3 -12.82 -2.21 2.08
C GLY A 3 -11.88 -3.19 2.80
N PHE A 4 -12.24 -4.47 2.76
CA PHE A 4 -11.44 -5.50 3.41
C PHE A 4 -10.06 -5.60 2.75
N ILE A 5 -10.02 -5.55 1.41
CA ILE A 5 -8.75 -5.64 0.68
C ILE A 5 -7.86 -4.43 1.03
N ALA A 6 -8.44 -3.23 1.01
CA ALA A 6 -7.68 -2.01 1.31
C ALA A 6 -7.08 -2.03 2.70
N GLY A 7 -7.92 -2.38 3.66
CA GLY A 7 -7.50 -2.43 5.06
C GLY A 7 -6.41 -3.49 5.27
N LEU A 8 -6.56 -4.65 4.63
CA LEU A 8 -5.58 -5.74 4.77
C LEU A 8 -4.23 -5.36 4.18
N ILE A 9 -4.23 -4.84 2.95
CA ILE A 9 -2.97 -4.45 2.29
C ILE A 9 -2.37 -3.24 3.00
N ALA A 10 -3.24 -2.30 3.40
CA ALA A 10 -2.81 -1.09 4.08
C ALA A 10 -2.16 -1.37 5.42
N ILE A 11 -2.75 -2.27 6.22
CA ILE A 11 -2.17 -2.58 7.54
C ILE A 11 -0.80 -3.26 7.37
N VAL A 12 -0.68 -4.12 6.36
CA VAL A 12 0.58 -4.83 6.10
C VAL A 12 1.63 -3.82 5.59
N LEU A 13 1.24 -2.96 4.65
CA LEU A 13 2.18 -1.98 4.09
C LEU A 13 2.60 -0.94 5.13
N VAL A 14 1.69 -0.49 6.00
CA VAL A 14 2.06 0.45 7.06
C VAL A 14 3.12 -0.24 7.95
N THR A 15 3.00 -1.56 8.11
CA THR A 15 3.97 -2.33 8.90
C THR A 15 5.36 -2.23 8.26
N ILE A 16 5.45 -2.35 6.92
CA ILE A 16 6.77 -2.26 6.24
C ILE A 16 7.30 -0.82 6.39
N LEU A 17 6.40 0.15 6.32
CA LEU A 17 6.76 1.57 6.47
C LEU A 17 7.39 1.80 7.84
N LEU A 18 6.72 1.29 8.87
CA LEU A 18 7.17 1.43 10.25
C LEU A 18 8.40 0.55 10.55
N SER A 19 8.48 -0.59 9.84
CA SER A 19 9.60 -1.53 10.03
C SER A 19 10.91 -0.93 9.50
N SER A 20 10.82 -0.10 8.47
CA SER A 20 12.00 0.53 7.86
C SER A 20 12.40 1.79 8.65
N THR A 21 11.40 2.55 9.10
CA THR A 21 11.65 3.78 9.86
C THR A 21 10.88 3.75 11.19
N TRP B 1 -4.78 -15.70 -4.56
CA TRP B 1 -5.84 -14.87 -5.12
C TRP B 1 -5.88 -13.52 -4.35
N LEU B 2 -6.32 -13.57 -3.09
CA LEU B 2 -6.37 -12.38 -2.25
C LEU B 2 -4.95 -11.84 -2.07
N GLY B 3 -4.05 -12.75 -1.74
CA GLY B 3 -2.63 -12.41 -1.57
C GLY B 3 -2.06 -11.81 -2.85
N PHE B 4 -2.57 -12.26 -4.01
CA PHE B 4 -2.11 -11.77 -5.30
C PHE B 4 -2.32 -10.26 -5.44
N ILE B 5 -3.53 -9.78 -5.10
CA ILE B 5 -3.81 -8.34 -5.22
C ILE B 5 -3.00 -7.54 -4.19
N ALA B 6 -2.80 -8.13 -3.03
CA ALA B 6 -2.04 -7.48 -1.95
C ALA B 6 -0.57 -7.34 -2.32
N GLY B 7 0.00 -8.44 -2.77
CA GLY B 7 1.40 -8.50 -3.15
C GLY B 7 1.69 -7.58 -4.33
N LEU B 8 0.76 -7.53 -5.29
CA LEU B 8 0.94 -6.70 -6.48
C LEU B 8 0.94 -5.22 -6.15
N ILE B 9 -0.05 -4.77 -5.36
CA ILE B 9 -0.12 -3.35 -4.99
C ILE B 9 1.04 -3.02 -4.05
N ALA B 10 1.32 -3.93 -3.12
CA ALA B 10 2.40 -3.75 -2.16
C ALA B 10 3.76 -3.57 -2.85
N ILE B 11 4.07 -4.37 -3.88
CA ILE B 11 5.37 -4.24 -4.57
C ILE B 11 5.49 -2.87 -5.24
N VAL B 12 4.40 -2.40 -5.85
CA VAL B 12 4.40 -1.09 -6.50
C VAL B 12 4.59 0.01 -5.44
N LEU B 13 3.98 -0.19 -4.26
CA LEU B 13 4.07 0.79 -3.18
C LEU B 13 5.50 0.89 -2.64
N VAL B 14 6.22 -0.23 -2.55
CA VAL B 14 7.61 -0.19 -2.09
C VAL B 14 8.42 0.68 -3.09
N THR B 15 8.04 0.62 -4.39
CA THR B 15 8.73 1.40 -5.43
C THR B 15 8.58 2.91 -5.19
N ILE B 16 7.34 3.39 -4.98
CA ILE B 16 7.11 4.83 -4.72
C ILE B 16 7.85 5.24 -3.44
N LEU B 17 7.88 4.33 -2.45
CA LEU B 17 8.57 4.59 -1.18
C LEU B 17 10.05 4.85 -1.43
N LEU B 18 10.68 3.98 -2.21
CA LEU B 18 12.11 4.10 -2.52
C LEU B 18 12.38 5.36 -3.35
N SER B 19 11.48 5.64 -4.29
CA SER B 19 11.61 6.81 -5.17
C SER B 19 11.29 8.11 -4.41
N SER B 20 10.59 8.00 -3.27
CA SER B 20 10.22 9.17 -2.48
C SER B 20 11.38 9.60 -1.56
N THR B 21 12.14 8.63 -1.07
CA THR B 21 13.27 8.91 -0.18
C THR B 21 14.53 9.24 -0.98
N TRP C 1 -11.80 -1.95 -11.02
CA TRP C 1 -11.80 -3.16 -10.19
C TRP C 1 -10.44 -3.31 -9.48
N LEU C 2 -9.48 -4.04 -10.10
CA LEU C 2 -8.16 -4.23 -9.50
C LEU C 2 -7.35 -2.94 -9.59
N GLY C 3 -7.36 -2.32 -10.77
CA GLY C 3 -6.64 -1.07 -11.00
C GLY C 3 -7.13 0.01 -10.02
N PHE C 4 -8.44 0.06 -9.81
CA PHE C 4 -9.03 1.03 -8.90
C PHE C 4 -8.55 0.79 -7.47
N ILE C 5 -8.54 -0.47 -7.04
CA ILE C 5 -8.10 -0.82 -5.69
C ILE C 5 -6.60 -0.45 -5.51
N ALA C 6 -5.77 -0.78 -6.48
CA ALA C 6 -4.33 -0.49 -6.39
C ALA C 6 -4.07 0.99 -6.17
N GLY C 7 -4.68 1.82 -7.01
CA GLY C 7 -4.49 3.26 -6.91
C GLY C 7 -5.10 3.82 -5.62
N LEU C 8 -6.27 3.30 -5.23
CA LEU C 8 -6.95 3.78 -4.02
C LEU C 8 -6.16 3.44 -2.76
N ILE C 9 -5.72 2.18 -2.62
CA ILE C 9 -4.96 1.81 -1.42
C ILE C 9 -3.59 2.49 -1.46
N ALA C 10 -2.95 2.47 -2.62
CA ALA C 10 -1.65 3.08 -2.79
C ALA C 10 -1.70 4.57 -2.49
N ILE C 11 -2.76 5.25 -2.93
CA ILE C 11 -2.93 6.69 -2.70
C ILE C 11 -3.00 6.97 -1.18
N VAL C 12 -3.73 6.14 -0.45
CA VAL C 12 -3.87 6.32 0.99
C VAL C 12 -2.52 6.03 1.69
N LEU C 13 -1.84 4.98 1.22
CA LEU C 13 -0.56 4.58 1.81
C LEU C 13 0.54 5.63 1.58
N VAL C 14 0.62 6.20 0.36
CA VAL C 14 1.61 7.24 0.09
C VAL C 14 1.33 8.43 1.03
N THR C 15 0.04 8.65 1.33
CA THR C 15 -0.35 9.72 2.25
C THR C 15 0.26 9.45 3.63
N ILE C 16 0.34 8.17 4.02
CA ILE C 16 0.92 7.80 5.32
C ILE C 16 2.38 8.27 5.36
N LEU C 17 3.11 8.03 4.27
CA LEU C 17 4.52 8.42 4.18
C LEU C 17 4.66 9.95 4.29
N LEU C 18 3.84 10.68 3.55
CA LEU C 18 3.88 12.15 3.57
C LEU C 18 3.45 12.71 4.92
N SER C 19 2.57 11.97 5.61
CA SER C 19 2.06 12.38 6.91
C SER C 19 3.10 12.16 8.02
N SER C 20 3.86 11.07 7.91
CA SER C 20 4.87 10.73 8.91
C SER C 20 6.21 11.42 8.62
N THR C 21 6.50 11.65 7.33
CA THR C 21 7.77 12.29 6.92
C THR C 21 8.97 11.62 7.62
N TRP A 1 -15.25 -7.49 0.70
CA TRP A 1 -15.46 -6.07 0.46
C TRP A 1 -14.13 -5.37 0.11
N LEU A 2 -14.21 -4.35 -0.74
CA LEU A 2 -13.01 -3.59 -1.14
C LEU A 2 -12.28 -3.08 0.10
N GLY A 3 -13.05 -2.60 1.08
CA GLY A 3 -12.48 -2.10 2.32
C GLY A 3 -11.69 -3.19 3.05
N PHE A 4 -12.18 -4.44 2.95
CA PHE A 4 -11.51 -5.56 3.61
C PHE A 4 -10.10 -5.74 3.04
N ILE A 5 -9.97 -5.75 1.71
CA ILE A 5 -8.65 -5.90 1.08
C ILE A 5 -7.81 -4.63 1.34
N ALA A 6 -8.42 -3.46 1.19
CA ALA A 6 -7.70 -2.19 1.39
C ALA A 6 -7.08 -2.11 2.77
N GLY A 7 -7.87 -2.42 3.79
CA GLY A 7 -7.42 -2.37 5.17
C GLY A 7 -6.32 -3.39 5.43
N LEU A 8 -6.48 -4.61 4.89
CA LEU A 8 -5.50 -5.68 5.09
C LEU A 8 -4.17 -5.34 4.40
N ILE A 9 -4.20 -4.90 3.15
CA ILE A 9 -2.96 -4.57 2.46
C ILE A 9 -2.34 -3.31 3.08
N ALA A 10 -3.22 -2.33 3.39
CA ALA A 10 -2.76 -1.06 3.97
C ALA A 10 -2.11 -1.24 5.33
N ILE A 11 -2.72 -2.03 6.23
CA ILE A 11 -2.13 -2.23 7.56
C ILE A 11 -0.78 -2.94 7.44
N VAL A 12 -0.69 -3.90 6.52
CA VAL A 12 0.55 -4.63 6.30
C VAL A 12 1.60 -3.69 5.68
N LEU A 13 1.17 -2.86 4.72
CA LEU A 13 2.07 -1.93 4.05
C LEU A 13 2.57 -0.85 5.01
N VAL A 14 1.72 -0.39 5.93
CA VAL A 14 2.15 0.60 6.93
C VAL A 14 3.29 -0.02 7.76
N THR A 15 3.21 -1.34 7.99
CA THR A 15 4.22 -2.07 8.76
C THR A 15 5.59 -1.99 8.07
N ILE A 16 5.66 -2.33 6.77
CA ILE A 16 6.93 -2.28 6.01
C ILE A 16 7.42 -0.82 5.91
N LEU A 17 6.48 0.11 5.75
CA LEU A 17 6.81 1.54 5.64
C LEU A 17 7.51 2.01 6.93
N LEU A 18 6.92 1.66 8.07
CA LEU A 18 7.47 2.06 9.37
C LEU A 18 8.75 1.27 9.69
N SER A 19 8.77 0.01 9.29
CA SER A 19 9.92 -0.85 9.54
C SER A 19 11.10 -0.51 8.60
N SER A 20 10.83 0.27 7.54
CA SER A 20 11.87 0.66 6.59
C SER A 20 12.66 1.86 7.10
N THR A 21 12.00 2.76 7.84
CA THR A 21 12.65 3.95 8.38
C THR A 21 13.16 3.67 9.80
N TRP B 1 -7.40 -13.87 -6.48
CA TRP B 1 -7.45 -13.80 -5.03
C TRP B 1 -6.78 -12.54 -4.48
N LEU B 2 -7.18 -12.18 -3.25
CA LEU B 2 -6.65 -11.00 -2.57
C LEU B 2 -5.13 -11.03 -2.49
N GLY B 3 -4.55 -12.23 -2.33
CA GLY B 3 -3.11 -12.38 -2.21
C GLY B 3 -2.39 -11.77 -3.41
N PHE B 4 -2.94 -11.97 -4.61
CA PHE B 4 -2.34 -11.43 -5.81
C PHE B 4 -2.37 -9.89 -5.77
N ILE B 5 -3.52 -9.33 -5.38
CA ILE B 5 -3.65 -7.86 -5.31
C ILE B 5 -2.71 -7.29 -4.24
N ALA B 6 -2.67 -7.91 -3.06
CA ALA B 6 -1.82 -7.42 -1.97
C ALA B 6 -0.36 -7.33 -2.37
N GLY B 7 0.15 -8.42 -2.90
CA GLY B 7 1.56 -8.47 -3.32
C GLY B 7 1.82 -7.47 -4.44
N LEU B 8 0.87 -7.34 -5.37
CA LEU B 8 1.02 -6.42 -6.49
C LEU B 8 1.06 -4.96 -6.05
N ILE B 9 0.08 -4.55 -5.23
CA ILE B 9 0.04 -3.16 -4.77
C ILE B 9 1.19 -2.91 -3.79
N ALA B 10 1.43 -3.87 -2.90
CA ALA B 10 2.49 -3.77 -1.90
C ALA B 10 3.88 -3.63 -2.52
N ILE B 11 4.16 -4.34 -3.63
CA ILE B 11 5.49 -4.24 -4.25
C ILE B 11 5.68 -2.85 -4.90
N VAL B 12 4.61 -2.31 -5.49
CA VAL B 12 4.67 -0.99 -6.12
C VAL B 12 4.78 0.09 -5.04
N LEU B 13 4.05 -0.07 -3.93
CA LEU B 13 4.07 0.91 -2.86
C LEU B 13 5.42 0.96 -2.14
N VAL B 14 6.05 -0.19 -1.88
CA VAL B 14 7.38 -0.19 -1.25
C VAL B 14 8.34 0.56 -2.19
N THR B 15 8.12 0.42 -3.50
CA THR B 15 8.91 1.14 -4.49
C THR B 15 8.72 2.65 -4.28
N ILE B 16 7.49 3.05 -3.89
CA ILE B 16 7.17 4.46 -3.64
C ILE B 16 8.08 4.99 -2.52
N LEU B 17 8.27 4.18 -1.48
CA LEU B 17 9.10 4.55 -0.34
C LEU B 17 10.57 4.63 -0.74
N LEU B 18 11.01 3.63 -1.50
CA LEU B 18 12.40 3.56 -1.96
C LEU B 18 12.73 4.69 -2.94
N SER B 19 11.76 5.09 -3.75
CA SER B 19 11.95 6.16 -4.73
C SER B 19 11.76 7.55 -4.10
N SER B 20 11.00 7.60 -2.99
CA SER B 20 10.74 8.87 -2.31
C SER B 20 11.80 9.17 -1.23
N THR B 21 12.90 8.41 -1.23
CA THR B 21 13.98 8.61 -0.26
C THR B 21 14.60 10.00 -0.40
N TRP C 1 -11.03 -2.90 -12.08
CA TRP C 1 -11.23 -3.50 -10.76
C TRP C 1 -9.89 -3.56 -10.01
N LEU C 2 -8.91 -4.24 -10.61
CA LEU C 2 -7.58 -4.39 -10.01
C LEU C 2 -6.93 -3.02 -9.88
N GLY C 3 -6.95 -2.25 -10.97
CA GLY C 3 -6.37 -0.91 -10.98
C GLY C 3 -7.12 0.00 -10.01
N PHE C 4 -8.44 -0.22 -9.90
CA PHE C 4 -9.28 0.57 -9.01
C PHE C 4 -8.85 0.37 -7.56
N ILE C 5 -8.69 -0.90 -7.15
CA ILE C 5 -8.29 -1.22 -5.78
C ILE C 5 -6.83 -0.75 -5.54
N ALA C 6 -5.94 -1.06 -6.48
CA ALA C 6 -4.53 -0.69 -6.34
C ALA C 6 -4.36 0.80 -6.17
N GLY C 7 -4.96 1.57 -7.05
CA GLY C 7 -4.86 3.02 -7.00
C GLY C 7 -5.48 3.59 -5.72
N LEU C 8 -6.63 3.04 -5.32
CA LEU C 8 -7.32 3.52 -4.12
C LEU C 8 -6.53 3.23 -2.85
N ILE C 9 -6.04 1.99 -2.70
CA ILE C 9 -5.27 1.65 -1.50
C ILE C 9 -3.92 2.39 -1.53
N ALA C 10 -3.31 2.43 -2.72
CA ALA C 10 -2.02 3.09 -2.89
C ALA C 10 -2.09 4.59 -2.60
N ILE C 11 -3.15 5.28 -3.07
CA ILE C 11 -3.26 6.72 -2.82
C ILE C 11 -3.39 7.00 -1.32
N VAL C 12 -4.10 6.12 -0.59
CA VAL C 12 -4.25 6.27 0.85
C VAL C 12 -2.90 6.01 1.55
N LEU C 13 -2.19 4.98 1.09
CA LEU C 13 -0.90 4.62 1.66
C LEU C 13 0.16 5.69 1.40
N VAL C 14 0.13 6.31 0.21
CA VAL C 14 1.07 7.40 -0.09
C VAL C 14 0.81 8.53 0.92
N THR C 15 -0.46 8.71 1.30
CA THR C 15 -0.83 9.72 2.30
C THR C 15 -0.11 9.41 3.62
N ILE C 16 -0.04 8.11 3.97
CA ILE C 16 0.65 7.70 5.20
C ILE C 16 2.12 8.11 5.12
N LEU C 17 2.71 7.94 3.94
CA LEU C 17 4.12 8.28 3.72
C LEU C 17 4.37 9.76 3.96
N LEU C 18 3.51 10.62 3.41
CA LEU C 18 3.65 12.07 3.57
C LEU C 18 3.54 12.47 5.04
N SER C 19 2.60 11.85 5.75
CA SER C 19 2.36 12.14 7.16
C SER C 19 3.46 11.54 8.06
N SER C 20 4.08 10.44 7.60
CA SER C 20 5.12 9.76 8.36
C SER C 20 6.48 10.44 8.17
N THR C 21 6.74 10.90 6.93
CA THR C 21 8.01 11.56 6.61
C THR C 21 7.89 12.35 5.31
N TRP A 1 -15.59 -6.63 0.68
CA TRP A 1 -15.58 -5.54 -0.31
C TRP A 1 -14.18 -4.91 -0.42
N LEU A 2 -14.06 -3.89 -1.29
CA LEU A 2 -12.80 -3.19 -1.49
C LEU A 2 -12.23 -2.67 -0.17
N GLY A 3 -13.13 -2.25 0.74
CA GLY A 3 -12.72 -1.73 2.03
C GLY A 3 -11.88 -2.74 2.79
N PHE A 4 -12.29 -4.01 2.74
CA PHE A 4 -11.57 -5.08 3.42
C PHE A 4 -10.20 -5.32 2.75
N ILE A 5 -10.17 -5.28 1.42
CA ILE A 5 -8.93 -5.48 0.68
C ILE A 5 -7.94 -4.34 0.99
N ALA A 6 -8.45 -3.12 1.10
CA ALA A 6 -7.61 -1.95 1.39
C ALA A 6 -7.01 -2.03 2.78
N GLY A 7 -7.85 -2.34 3.74
CA GLY A 7 -7.43 -2.44 5.14
C GLY A 7 -6.35 -3.49 5.32
N LEU A 8 -6.51 -4.66 4.68
CA LEU A 8 -5.55 -5.75 4.82
C LEU A 8 -4.18 -5.40 4.21
N ILE A 9 -4.19 -4.90 2.97
CA ILE A 9 -2.92 -4.54 2.32
C ILE A 9 -2.30 -3.33 3.02
N ALA A 10 -3.16 -2.38 3.40
CA ALA A 10 -2.71 -1.16 4.07
C ALA A 10 -1.97 -1.46 5.37
N ILE A 11 -2.49 -2.40 6.18
CA ILE A 11 -1.83 -2.73 7.45
C ILE A 11 -0.45 -3.34 7.21
N VAL A 12 -0.35 -4.17 6.16
CA VAL A 12 0.93 -4.80 5.82
C VAL A 12 1.92 -3.75 5.29
N LEU A 13 1.44 -2.86 4.41
CA LEU A 13 2.29 -1.83 3.83
C LEU A 13 2.74 -0.82 4.88
N VAL A 14 1.85 -0.44 5.82
CA VAL A 14 2.24 0.47 6.90
C VAL A 14 3.36 -0.21 7.70
N THR A 15 3.31 -1.55 7.81
CA THR A 15 4.36 -2.28 8.52
C THR A 15 5.71 -2.06 7.84
N ILE A 16 5.70 -1.96 6.49
CA ILE A 16 6.93 -1.70 5.73
C ILE A 16 7.50 -0.34 6.18
N LEU A 17 6.61 0.64 6.37
CA LEU A 17 7.01 1.97 6.79
C LEU A 17 7.69 1.91 8.17
N LEU A 18 7.08 1.16 9.09
CA LEU A 18 7.62 1.02 10.44
C LEU A 18 8.98 0.32 10.40
N SER A 19 9.09 -0.68 9.52
CA SER A 19 10.33 -1.45 9.37
C SER A 19 11.47 -0.58 8.82
N SER A 20 11.13 0.48 8.09
CA SER A 20 12.11 1.40 7.52
C SER A 20 12.59 2.44 8.54
N THR A 21 11.78 2.69 9.59
CA THR A 21 12.14 3.66 10.62
C THR A 21 12.51 2.95 11.93
N TRP B 1 -5.47 -15.34 -5.27
CA TRP B 1 -6.12 -14.11 -5.71
C TRP B 1 -5.99 -13.03 -4.63
N LEU B 2 -6.31 -13.38 -3.39
CA LEU B 2 -6.23 -12.43 -2.28
C LEU B 2 -4.80 -11.93 -2.12
N GLY B 3 -3.86 -12.88 -2.07
CA GLY B 3 -2.45 -12.55 -1.94
C GLY B 3 -1.96 -11.79 -3.17
N PHE B 4 -2.56 -12.12 -4.33
CA PHE B 4 -2.19 -11.50 -5.60
C PHE B 4 -2.43 -9.99 -5.58
N ILE B 5 -3.60 -9.53 -5.11
CA ILE B 5 -3.89 -8.09 -5.09
C ILE B 5 -3.01 -7.37 -4.06
N ALA B 6 -2.74 -8.04 -2.95
CA ALA B 6 -1.91 -7.47 -1.89
C ALA B 6 -0.46 -7.33 -2.33
N GLY B 7 0.06 -8.40 -2.90
CA GLY B 7 1.43 -8.43 -3.36
C GLY B 7 1.67 -7.45 -4.52
N LEU B 8 0.75 -7.40 -5.47
CA LEU B 8 0.89 -6.50 -6.62
C LEU B 8 0.84 -5.04 -6.19
N ILE B 9 -0.15 -4.66 -5.38
CA ILE B 9 -0.26 -3.27 -4.94
C ILE B 9 0.90 -2.94 -3.99
N ALA B 10 1.19 -3.87 -3.07
CA ALA B 10 2.29 -3.67 -2.12
C ALA B 10 3.64 -3.57 -2.84
N ILE B 11 3.81 -4.35 -3.91
CA ILE B 11 5.05 -4.32 -4.68
C ILE B 11 5.28 -2.90 -5.24
N VAL B 12 4.21 -2.29 -5.74
CA VAL B 12 4.29 -0.93 -6.30
C VAL B 12 4.60 0.07 -5.18
N LEU B 13 3.93 -0.08 -4.02
CA LEU B 13 4.15 0.83 -2.90
C LEU B 13 5.56 0.69 -2.31
N VAL B 14 6.12 -0.54 -2.30
CA VAL B 14 7.49 -0.71 -1.80
C VAL B 14 8.40 0.13 -2.72
N THR B 15 8.05 0.18 -4.02
CA THR B 15 8.78 1.00 -4.98
C THR B 15 8.68 2.49 -4.58
N ILE B 16 7.51 2.89 -4.05
CA ILE B 16 7.28 4.28 -3.64
C ILE B 16 8.30 4.67 -2.54
N LEU B 17 8.61 3.74 -1.65
CA LEU B 17 9.56 3.97 -0.57
C LEU B 17 10.98 4.10 -1.11
N LEU B 18 11.34 3.21 -2.02
CA LEU B 18 12.68 3.20 -2.63
C LEU B 18 12.89 4.45 -3.49
N SER B 19 11.82 4.87 -4.18
CA SER B 19 11.85 6.05 -5.04
C SER B 19 11.90 7.35 -4.21
N SER B 20 11.37 7.30 -2.98
CA SER B 20 11.36 8.48 -2.11
C SER B 20 12.70 8.66 -1.37
N THR B 21 13.74 7.94 -1.80
CA THR B 21 15.07 8.03 -1.17
C THR B 21 16.16 7.52 -2.11
N TRP C 1 -12.44 -2.18 -11.64
CA TRP C 1 -11.54 -3.35 -11.62
C TRP C 1 -10.40 -3.22 -10.58
N LEU C 2 -9.50 -4.21 -10.62
CA LEU C 2 -8.36 -4.29 -9.71
C LEU C 2 -7.53 -3.01 -9.76
N GLY C 3 -7.44 -2.39 -10.94
CA GLY C 3 -6.66 -1.17 -11.12
C GLY C 3 -7.12 -0.09 -10.15
N PHE C 4 -8.44 -0.02 -9.93
CA PHE C 4 -9.01 0.94 -9.00
C PHE C 4 -8.60 0.63 -7.57
N ILE C 5 -8.59 -0.68 -7.23
CA ILE C 5 -8.21 -1.09 -5.88
C ILE C 5 -6.76 -0.66 -5.61
N ALA C 6 -5.86 -0.90 -6.57
CA ALA C 6 -4.44 -0.53 -6.41
C ALA C 6 -4.27 0.95 -6.15
N GLY C 7 -4.86 1.76 -7.01
CA GLY C 7 -4.77 3.21 -6.91
C GLY C 7 -5.41 3.71 -5.61
N LEU C 8 -6.53 3.10 -5.22
CA LEU C 8 -7.24 3.50 -4.01
C LEU C 8 -6.41 3.22 -2.75
N ILE C 9 -5.90 2.00 -2.62
CA ILE C 9 -5.11 1.65 -1.44
C ILE C 9 -3.79 2.41 -1.47
N ALA C 10 -3.17 2.46 -2.66
CA ALA C 10 -1.91 3.15 -2.86
C ALA C 10 -2.01 4.63 -2.50
N ILE C 11 -3.11 5.30 -2.89
CA ILE C 11 -3.26 6.73 -2.60
C ILE C 11 -3.40 6.96 -1.08
N VAL C 12 -4.05 6.04 -0.38
CA VAL C 12 -4.22 6.16 1.07
C VAL C 12 -2.88 5.92 1.79
N LEU C 13 -2.12 4.93 1.31
CA LEU C 13 -0.83 4.60 1.92
C LEU C 13 0.19 5.73 1.73
N VAL C 14 0.24 6.32 0.52
CA VAL C 14 1.16 7.44 0.28
C VAL C 14 0.78 8.59 1.22
N THR C 15 -0.52 8.71 1.52
CA THR C 15 -0.98 9.74 2.46
C THR C 15 -0.31 9.51 3.82
N ILE C 16 -0.13 8.23 4.20
CA ILE C 16 0.54 7.89 5.46
C ILE C 16 1.97 8.45 5.42
N LEU C 17 2.64 8.25 4.28
CA LEU C 17 4.02 8.71 4.08
C LEU C 17 4.09 10.23 4.16
N LEU C 18 3.16 10.90 3.48
CA LEU C 18 3.10 12.36 3.44
C LEU C 18 2.65 12.94 4.79
N SER C 19 1.86 12.17 5.53
CA SER C 19 1.35 12.60 6.83
C SER C 19 2.41 12.43 7.93
N SER C 20 3.29 11.43 7.76
CA SER C 20 4.35 11.17 8.76
C SER C 20 5.72 11.68 8.28
N THR C 21 5.77 12.34 7.12
CA THR C 21 7.03 12.86 6.58
C THR C 21 6.89 14.34 6.19
N TRP A 1 -15.97 -5.61 1.09
CA TRP A 1 -15.03 -6.33 0.24
C TRP A 1 -13.91 -5.37 -0.21
N LEU A 2 -14.32 -4.27 -0.83
CA LEU A 2 -13.38 -3.24 -1.31
C LEU A 2 -12.65 -2.62 -0.12
N GLY A 3 -13.41 -2.27 0.92
CA GLY A 3 -12.84 -1.68 2.13
C GLY A 3 -11.93 -2.69 2.84
N PHE A 4 -12.28 -3.98 2.74
CA PHE A 4 -11.52 -5.05 3.35
C PHE A 4 -10.11 -5.12 2.75
N ILE A 5 -10.03 -5.02 1.41
CA ILE A 5 -8.75 -5.09 0.71
C ILE A 5 -7.87 -3.89 1.09
N ALA A 6 -8.47 -2.70 1.16
CA ALA A 6 -7.71 -1.48 1.49
C ALA A 6 -7.15 -1.52 2.89
N GLY A 7 -7.89 -2.11 3.81
CA GLY A 7 -7.43 -2.20 5.20
C GLY A 7 -6.37 -3.28 5.35
N LEU A 8 -6.60 -4.43 4.70
CA LEU A 8 -5.65 -5.55 4.79
C LEU A 8 -4.31 -5.22 4.13
N ILE A 9 -4.35 -4.69 2.89
CA ILE A 9 -3.10 -4.37 2.21
C ILE A 9 -2.42 -3.18 2.90
N ALA A 10 -3.21 -2.18 3.27
CA ALA A 10 -2.67 -0.99 3.94
C ALA A 10 -1.96 -1.35 5.25
N ILE A 11 -2.55 -2.24 6.06
CA ILE A 11 -1.93 -2.61 7.34
C ILE A 11 -0.56 -3.27 7.11
N VAL A 12 -0.44 -4.06 6.03
CA VAL A 12 0.84 -4.73 5.72
C VAL A 12 1.87 -3.69 5.24
N LEU A 13 1.42 -2.78 4.37
CA LEU A 13 2.32 -1.75 3.83
C LEU A 13 2.77 -0.78 4.92
N VAL A 14 1.86 -0.44 5.85
CA VAL A 14 2.22 0.43 6.97
C VAL A 14 3.34 -0.27 7.77
N THR A 15 3.27 -1.61 7.83
CA THR A 15 4.29 -2.40 8.52
C THR A 15 5.65 -2.16 7.87
N ILE A 16 5.67 -2.03 6.52
CA ILE A 16 6.93 -1.78 5.79
C ILE A 16 7.56 -0.47 6.28
N LEU A 17 6.74 0.58 6.40
CA LEU A 17 7.22 1.89 6.84
C LEU A 17 7.68 1.83 8.30
N LEU A 18 6.87 1.20 9.15
CA LEU A 18 7.20 1.05 10.56
C LEU A 18 8.44 0.19 10.77
N SER A 19 8.63 -0.79 9.88
CA SER A 19 9.78 -1.69 9.94
C SER A 19 11.07 -0.99 9.50
N SER A 20 10.94 0.00 8.59
CA SER A 20 12.10 0.74 8.10
C SER A 20 12.50 1.88 9.05
N THR A 21 11.96 1.88 10.27
CA THR A 21 12.27 2.93 11.25
C THR A 21 13.72 2.79 11.73
N TRP B 1 -6.15 -14.60 -6.17
CA TRP B 1 -5.97 -14.74 -4.72
C TRP B 1 -5.93 -13.37 -4.05
N LEU B 2 -6.55 -13.27 -2.87
CA LEU B 2 -6.56 -12.02 -2.11
C LEU B 2 -5.13 -11.54 -1.88
N GLY B 3 -4.25 -12.49 -1.57
CA GLY B 3 -2.84 -12.20 -1.34
C GLY B 3 -2.16 -11.72 -2.63
N PHE B 4 -2.61 -12.25 -3.77
CA PHE B 4 -2.04 -11.87 -5.06
C PHE B 4 -2.19 -10.36 -5.30
N ILE B 5 -3.40 -9.82 -5.07
CA ILE B 5 -3.62 -8.39 -5.29
C ILE B 5 -2.84 -7.58 -4.24
N ALA B 6 -2.75 -8.11 -3.03
CA ALA B 6 -2.04 -7.44 -1.93
C ALA B 6 -0.55 -7.30 -2.23
N GLY B 7 0.04 -8.41 -2.61
CA GLY B 7 1.47 -8.44 -2.92
C GLY B 7 1.79 -7.57 -4.14
N LEU B 8 0.90 -7.61 -5.14
CA LEU B 8 1.09 -6.83 -6.36
C LEU B 8 1.04 -5.33 -6.08
N ILE B 9 0.02 -4.86 -5.36
CA ILE B 9 -0.07 -3.43 -5.05
C ILE B 9 1.05 -3.05 -4.09
N ALA B 10 1.31 -3.92 -3.11
CA ALA B 10 2.36 -3.68 -2.13
C ALA B 10 3.74 -3.52 -2.79
N ILE B 11 4.08 -4.39 -3.75
CA ILE B 11 5.40 -4.29 -4.40
C ILE B 11 5.52 -2.96 -5.15
N VAL B 12 4.44 -2.49 -5.76
CA VAL B 12 4.45 -1.20 -6.46
C VAL B 12 4.64 -0.06 -5.45
N LEU B 13 4.00 -0.18 -4.28
CA LEU B 13 4.10 0.85 -3.25
C LEU B 13 5.51 0.93 -2.67
N VAL B 14 6.16 -0.21 -2.47
CA VAL B 14 7.55 -0.19 -1.98
C VAL B 14 8.40 0.57 -3.01
N THR B 15 8.05 0.44 -4.29
CA THR B 15 8.76 1.12 -5.37
C THR B 15 8.69 2.65 -5.21
N ILE B 16 7.49 3.20 -4.92
CA ILE B 16 7.34 4.66 -4.76
C ILE B 16 8.17 5.13 -3.55
N LEU B 17 8.21 4.29 -2.50
CA LEU B 17 8.96 4.60 -1.29
C LEU B 17 10.45 4.76 -1.62
N LEU B 18 10.97 3.88 -2.48
CA LEU B 18 12.38 3.92 -2.87
C LEU B 18 12.68 5.23 -3.61
N SER B 19 11.74 5.64 -4.46
CA SER B 19 11.89 6.87 -5.24
C SER B 19 11.97 8.09 -4.32
N SER B 20 11.26 8.04 -3.19
CA SER B 20 11.25 9.14 -2.23
C SER B 20 12.47 9.08 -1.31
N THR B 21 12.87 7.86 -0.92
CA THR B 21 14.02 7.66 -0.04
C THR B 21 13.90 8.54 1.22
N TRP C 1 -11.45 -2.12 -12.11
CA TRP C 1 -11.64 -2.94 -10.91
C TRP C 1 -10.29 -3.23 -10.22
N LEU C 2 -9.43 -4.01 -10.88
CA LEU C 2 -8.11 -4.35 -10.33
C LEU C 2 -7.26 -3.09 -10.16
N GLY C 3 -7.19 -2.30 -11.23
CA GLY C 3 -6.41 -1.05 -11.21
C GLY C 3 -7.03 -0.05 -10.22
N PHE C 4 -8.36 -0.09 -10.10
CA PHE C 4 -9.08 0.80 -9.20
C PHE C 4 -8.74 0.46 -7.75
N ILE C 5 -8.68 -0.85 -7.44
CA ILE C 5 -8.35 -1.30 -6.11
C ILE C 5 -6.91 -0.88 -5.75
N ALA C 6 -5.99 -1.11 -6.69
CA ALA C 6 -4.57 -0.79 -6.49
C ALA C 6 -4.38 0.69 -6.18
N GLY C 7 -4.94 1.53 -7.02
CA GLY C 7 -4.84 2.97 -6.85
C GLY C 7 -5.42 3.39 -5.51
N LEU C 8 -6.48 2.71 -5.06
CA LEU C 8 -7.13 3.04 -3.80
C LEU C 8 -6.22 2.76 -2.59
N ILE C 9 -5.56 1.59 -2.56
CA ILE C 9 -4.67 1.29 -1.43
C ILE C 9 -3.46 2.22 -1.50
N ALA C 10 -2.91 2.33 -2.70
CA ALA C 10 -1.73 3.14 -2.94
C ALA C 10 -1.95 4.60 -2.56
N ILE C 11 -3.09 5.19 -2.93
CA ILE C 11 -3.34 6.60 -2.60
C ILE C 11 -3.44 6.80 -1.09
N VAL C 12 -4.07 5.85 -0.39
CA VAL C 12 -4.22 5.94 1.06
C VAL C 12 -2.85 5.77 1.74
N LEU C 13 -2.05 4.84 1.23
CA LEU C 13 -0.72 4.58 1.80
C LEU C 13 0.24 5.75 1.57
N VAL C 14 0.17 6.39 0.39
CA VAL C 14 1.02 7.55 0.13
C VAL C 14 0.66 8.64 1.16
N THR C 15 -0.63 8.70 1.54
CA THR C 15 -1.09 9.66 2.56
C THR C 15 -0.35 9.37 3.87
N ILE C 16 -0.17 8.09 4.19
CA ILE C 16 0.54 7.67 5.41
C ILE C 16 1.97 8.23 5.37
N LEU C 17 2.59 8.19 4.18
CA LEU C 17 3.95 8.67 3.99
C LEU C 17 4.05 10.16 4.33
N LEU C 18 3.04 10.92 3.91
CA LEU C 18 3.01 12.37 4.18
C LEU C 18 2.99 12.63 5.68
N SER C 19 2.23 11.82 6.41
CA SER C 19 2.12 11.94 7.87
C SER C 19 3.41 11.47 8.58
N SER C 20 4.18 10.60 7.91
CA SER C 20 5.42 10.08 8.51
C SER C 20 6.67 10.84 8.02
N THR C 21 6.49 11.93 7.26
CA THR C 21 7.62 12.72 6.76
C THR C 21 7.50 14.18 7.21
N TRP A 1 -15.94 -5.75 -0.01
CA TRP A 1 -15.07 -6.44 -0.98
C TRP A 1 -13.75 -5.67 -1.15
N LEU A 2 -13.79 -4.52 -1.83
CA LEU A 2 -12.59 -3.71 -2.05
C LEU A 2 -12.15 -3.09 -0.72
N GLY A 3 -13.12 -2.63 0.06
CA GLY A 3 -12.84 -2.04 1.36
C GLY A 3 -12.19 -3.08 2.29
N PHE A 4 -12.62 -4.34 2.15
CA PHE A 4 -12.09 -5.42 2.97
C PHE A 4 -10.60 -5.63 2.68
N ILE A 5 -10.25 -5.75 1.39
CA ILE A 5 -8.85 -5.94 1.01
C ILE A 5 -8.03 -4.68 1.30
N ALA A 6 -8.63 -3.51 1.06
CA ALA A 6 -7.94 -2.23 1.29
C ALA A 6 -7.44 -2.10 2.72
N GLY A 7 -8.23 -2.60 3.65
CA GLY A 7 -7.87 -2.55 5.06
C GLY A 7 -6.72 -3.51 5.38
N LEU A 8 -6.79 -4.72 4.81
CA LEU A 8 -5.74 -5.74 5.07
C LEU A 8 -4.39 -5.32 4.52
N ILE A 9 -4.37 -4.87 3.26
CA ILE A 9 -3.10 -4.48 2.61
C ILE A 9 -2.56 -3.22 3.26
N ALA A 10 -3.46 -2.31 3.64
CA ALA A 10 -3.07 -1.06 4.27
C ALA A 10 -2.34 -1.29 5.58
N ILE A 11 -2.83 -2.23 6.41
CA ILE A 11 -2.18 -2.52 7.69
C ILE A 11 -0.82 -3.20 7.48
N VAL A 12 -0.73 -4.07 6.46
CA VAL A 12 0.50 -4.78 6.17
C VAL A 12 1.56 -3.80 5.62
N LEU A 13 1.13 -2.87 4.76
CA LEU A 13 2.06 -1.91 4.17
C LEU A 13 2.60 -0.93 5.21
N VAL A 14 1.75 -0.44 6.12
CA VAL A 14 2.24 0.46 7.17
C VAL A 14 3.27 -0.31 8.03
N THR A 15 3.06 -1.62 8.19
CA THR A 15 3.99 -2.46 8.96
C THR A 15 5.38 -2.46 8.31
N ILE A 16 5.43 -2.61 6.97
CA ILE A 16 6.71 -2.62 6.25
C ILE A 16 7.36 -1.23 6.37
N LEU A 17 6.53 -0.18 6.35
CA LEU A 17 7.01 1.20 6.44
C LEU A 17 7.74 1.42 7.77
N LEU A 18 7.18 0.88 8.85
CA LEU A 18 7.76 1.03 10.18
C LEU A 18 9.04 0.20 10.35
N SER A 19 9.09 -0.94 9.66
CA SER A 19 10.26 -1.83 9.74
C SER A 19 11.38 -1.37 8.81
N SER A 20 11.02 -0.72 7.70
CA SER A 20 12.00 -0.23 6.72
C SER A 20 12.60 1.12 7.14
N THR A 21 11.79 1.96 7.79
CA THR A 21 12.26 3.28 8.23
C THR A 21 13.42 3.15 9.21
N TRP B 1 -6.11 -14.51 -4.82
CA TRP B 1 -6.83 -13.24 -4.91
C TRP B 1 -6.24 -12.19 -3.96
N LEU B 2 -6.40 -12.39 -2.65
CA LEU B 2 -5.90 -11.44 -1.65
C LEU B 2 -4.39 -11.30 -1.73
N GLY B 3 -3.68 -12.43 -1.88
CA GLY B 3 -2.24 -12.41 -1.96
C GLY B 3 -1.78 -11.71 -3.25
N PHE B 4 -2.54 -11.91 -4.32
CA PHE B 4 -2.23 -11.31 -5.61
C PHE B 4 -2.39 -9.79 -5.56
N ILE B 5 -3.55 -9.34 -5.03
CA ILE B 5 -3.83 -7.91 -4.92
C ILE B 5 -2.90 -7.28 -3.87
N ALA B 6 -2.76 -7.92 -2.72
CA ALA B 6 -1.91 -7.42 -1.65
C ALA B 6 -0.46 -7.31 -2.10
N GLY B 7 0.05 -8.38 -2.64
CA GLY B 7 1.44 -8.44 -3.10
C GLY B 7 1.68 -7.45 -4.24
N LEU B 8 0.74 -7.38 -5.20
CA LEU B 8 0.88 -6.49 -6.34
C LEU B 8 0.85 -5.02 -5.93
N ILE B 9 -0.14 -4.65 -5.11
CA ILE B 9 -0.26 -3.26 -4.67
C ILE B 9 0.89 -2.91 -3.72
N ALA B 10 1.21 -3.85 -2.82
CA ALA B 10 2.29 -3.66 -1.86
C ALA B 10 3.65 -3.46 -2.55
N ILE B 11 3.95 -4.25 -3.59
CA ILE B 11 5.24 -4.11 -4.28
C ILE B 11 5.33 -2.75 -4.98
N VAL B 12 4.21 -2.27 -5.54
CA VAL B 12 4.19 -0.98 -6.21
C VAL B 12 4.41 0.14 -5.19
N LEU B 13 3.80 0.02 -4.00
CA LEU B 13 3.94 1.02 -2.96
C LEU B 13 5.37 1.06 -2.41
N VAL B 14 6.01 -0.10 -2.27
CA VAL B 14 7.39 -0.14 -1.80
C VAL B 14 8.26 0.63 -2.83
N THR B 15 7.89 0.53 -4.11
CA THR B 15 8.60 1.22 -5.18
C THR B 15 8.52 2.74 -5.02
N ILE B 16 7.31 3.27 -4.70
CA ILE B 16 7.15 4.73 -4.55
C ILE B 16 8.05 5.24 -3.41
N LEU B 17 8.19 4.44 -2.35
CA LEU B 17 9.03 4.80 -1.21
C LEU B 17 10.49 4.98 -1.66
N LEU B 18 11.00 3.99 -2.41
CA LEU B 18 12.38 4.04 -2.90
C LEU B 18 12.57 5.20 -3.88
N SER B 19 11.53 5.48 -4.66
CA SER B 19 11.58 6.56 -5.65
C SER B 19 11.49 7.94 -4.97
N SER B 20 10.83 7.99 -3.80
CA SER B 20 10.67 9.24 -3.07
C SER B 20 11.92 9.55 -2.23
N THR B 21 12.51 8.49 -1.65
CA THR B 21 13.71 8.63 -0.82
C THR B 21 14.74 7.56 -1.18
N TRP C 1 -9.69 -3.16 -12.94
CA TRP C 1 -10.24 -3.52 -11.63
C TRP C 1 -9.14 -3.47 -10.56
N LEU C 2 -8.04 -4.19 -10.81
CA LEU C 2 -6.92 -4.21 -9.88
C LEU C 2 -6.34 -2.82 -9.74
N GLY C 3 -6.18 -2.12 -10.86
CA GLY C 3 -5.66 -0.75 -10.85
C GLY C 3 -6.54 0.13 -9.95
N PHE C 4 -7.83 -0.18 -9.90
CA PHE C 4 -8.77 0.56 -9.08
C PHE C 4 -8.45 0.38 -7.60
N ILE C 5 -8.25 -0.88 -7.18
CA ILE C 5 -7.91 -1.18 -5.79
C ILE C 5 -6.50 -0.63 -5.46
N ALA C 6 -5.56 -0.89 -6.37
CA ALA C 6 -4.17 -0.44 -6.16
C ALA C 6 -4.09 1.05 -5.94
N GLY C 7 -4.69 1.81 -6.83
CA GLY C 7 -4.66 3.25 -6.72
C GLY C 7 -5.33 3.73 -5.43
N LEU C 8 -6.48 3.15 -5.09
CA LEU C 8 -7.20 3.56 -3.87
C LEU C 8 -6.40 3.27 -2.60
N ILE C 9 -5.90 2.03 -2.45
CA ILE C 9 -5.15 1.69 -1.24
C ILE C 9 -3.82 2.43 -1.24
N ALA C 10 -3.15 2.44 -2.40
CA ALA C 10 -1.87 3.12 -2.52
C ALA C 10 -2.01 4.62 -2.24
N ILE C 11 -3.14 5.22 -2.66
CA ILE C 11 -3.37 6.65 -2.45
C ILE C 11 -3.44 6.95 -0.94
N VAL C 12 -4.14 6.10 -0.19
CA VAL C 12 -4.26 6.30 1.27
C VAL C 12 -2.89 6.10 1.94
N LEU C 13 -2.15 5.07 1.50
CA LEU C 13 -0.83 4.77 2.06
C LEU C 13 0.17 5.88 1.75
N VAL C 14 0.11 6.44 0.53
CA VAL C 14 1.00 7.55 0.19
C VAL C 14 0.71 8.71 1.15
N THR C 15 -0.56 8.85 1.55
CA THR C 15 -0.96 9.90 2.48
C THR C 15 -0.26 9.74 3.84
N ILE C 16 -0.29 8.52 4.40
CA ILE C 16 0.34 8.27 5.73
C ILE C 16 1.87 8.38 5.61
N LEU C 17 2.42 7.82 4.52
CA LEU C 17 3.87 7.85 4.29
C LEU C 17 4.35 9.28 4.10
N LEU C 18 3.59 10.05 3.33
CA LEU C 18 3.91 11.44 3.05
C LEU C 18 3.63 12.35 4.25
N SER C 19 2.67 11.94 5.07
CA SER C 19 2.31 12.72 6.27
C SER C 19 3.38 12.58 7.36
N SER C 20 4.10 11.45 7.36
CA SER C 20 5.14 11.20 8.36
C SER C 20 6.47 11.89 8.02
N THR C 21 6.64 12.33 6.76
CA THR C 21 7.87 12.99 6.35
C THR C 21 7.60 14.02 5.24
N TRP A 1 -15.35 -5.59 0.79
CA TRP A 1 -14.39 -6.19 -0.14
C TRP A 1 -13.23 -5.21 -0.40
N LEU A 2 -13.54 -4.07 -1.02
CA LEU A 2 -12.54 -3.04 -1.32
C LEU A 2 -11.96 -2.49 -0.02
N GLY A 3 -12.83 -2.17 0.93
CA GLY A 3 -12.40 -1.64 2.23
C GLY A 3 -11.53 -2.66 2.96
N PHE A 4 -11.89 -3.94 2.85
CA PHE A 4 -11.15 -5.02 3.48
C PHE A 4 -9.73 -5.11 2.92
N ILE A 5 -9.63 -5.02 1.58
CA ILE A 5 -8.32 -5.10 0.92
C ILE A 5 -7.48 -3.85 1.25
N ALA A 6 -8.07 -2.66 1.21
CA ALA A 6 -7.34 -1.43 1.49
C ALA A 6 -6.70 -1.45 2.87
N GLY A 7 -7.49 -1.78 3.87
CA GLY A 7 -7.00 -1.83 5.24
C GLY A 7 -5.94 -2.91 5.40
N LEU A 8 -6.17 -4.07 4.79
CA LEU A 8 -5.23 -5.19 4.91
C LEU A 8 -3.90 -4.90 4.22
N ILE A 9 -3.92 -4.44 2.96
CA ILE A 9 -2.67 -4.16 2.27
C ILE A 9 -1.99 -2.94 2.91
N ALA A 10 -2.79 -1.95 3.27
CA ALA A 10 -2.27 -0.73 3.90
C ALA A 10 -1.50 -1.03 5.20
N ILE A 11 -2.02 -1.94 6.04
CA ILE A 11 -1.34 -2.24 7.30
C ILE A 11 0.00 -2.94 7.05
N VAL A 12 0.05 -3.81 6.03
CA VAL A 12 1.28 -4.53 5.70
C VAL A 12 2.33 -3.55 5.15
N LEU A 13 1.89 -2.63 4.27
CA LEU A 13 2.80 -1.67 3.68
C LEU A 13 3.35 -0.68 4.72
N VAL A 14 2.50 -0.22 5.64
CA VAL A 14 2.96 0.67 6.70
C VAL A 14 4.02 -0.07 7.53
N THR A 15 3.84 -1.40 7.67
CA THR A 15 4.81 -2.22 8.40
C THR A 15 6.17 -2.13 7.71
N ILE A 16 6.17 -2.06 6.36
CA ILE A 16 7.41 -1.94 5.59
C ILE A 16 8.12 -0.65 6.00
N LEU A 17 7.34 0.41 6.25
CA LEU A 17 7.90 1.70 6.65
C LEU A 17 8.67 1.56 7.97
N LEU A 18 8.07 0.86 8.93
CA LEU A 18 8.71 0.65 10.23
C LEU A 18 10.03 -0.12 10.07
N SER A 19 10.01 -1.11 9.19
CA SER A 19 11.20 -1.94 8.93
C SER A 19 12.22 -1.21 8.05
N SER A 20 11.77 -0.17 7.32
CA SER A 20 12.66 0.58 6.44
C SER A 20 13.35 1.71 7.19
N THR A 21 12.61 2.35 8.11
CA THR A 21 13.15 3.46 8.91
C THR A 21 14.27 2.97 9.83
N TRP B 1 -6.61 -14.81 -5.03
CA TRP B 1 -7.10 -13.64 -5.76
C TRP B 1 -6.89 -12.37 -4.94
N LEU B 2 -7.51 -12.32 -3.75
CA LEU B 2 -7.38 -11.16 -2.87
C LEU B 2 -5.93 -11.00 -2.42
N GLY B 3 -5.34 -12.09 -1.94
CA GLY B 3 -3.94 -12.07 -1.50
C GLY B 3 -3.03 -11.75 -2.68
N PHE B 4 -3.43 -12.20 -3.88
CA PHE B 4 -2.67 -11.95 -5.10
C PHE B 4 -2.59 -10.45 -5.39
N ILE B 5 -3.73 -9.76 -5.32
CA ILE B 5 -3.77 -8.32 -5.58
C ILE B 5 -2.88 -7.57 -4.55
N ALA B 6 -2.94 -8.01 -3.30
CA ALA B 6 -2.15 -7.37 -2.24
C ALA B 6 -0.67 -7.37 -2.59
N GLY B 7 -0.21 -8.49 -3.12
CA GLY B 7 1.19 -8.66 -3.50
C GLY B 7 1.56 -7.70 -4.65
N LEU B 8 0.67 -7.57 -5.64
CA LEU B 8 0.94 -6.69 -6.79
C LEU B 8 1.00 -5.24 -6.36
N ILE B 9 0.01 -4.80 -5.59
CA ILE B 9 -0.05 -3.41 -5.13
C ILE B 9 1.08 -3.14 -4.15
N ALA B 10 1.33 -4.11 -3.27
CA ALA B 10 2.38 -3.99 -2.27
C ALA B 10 3.76 -3.87 -2.89
N ILE B 11 4.06 -4.63 -3.96
CA ILE B 11 5.38 -4.55 -4.58
C ILE B 11 5.60 -3.14 -5.17
N VAL B 12 4.57 -2.61 -5.82
CA VAL B 12 4.65 -1.27 -6.42
C VAL B 12 4.71 -0.22 -5.29
N LEU B 13 3.90 -0.42 -4.25
CA LEU B 13 3.86 0.51 -3.13
C LEU B 13 5.19 0.49 -2.35
N VAL B 14 5.85 -0.67 -2.27
CA VAL B 14 7.14 -0.76 -1.62
C VAL B 14 8.12 0.15 -2.40
N THR B 15 7.93 0.24 -3.73
CA THR B 15 8.77 1.07 -4.58
C THR B 15 8.69 2.55 -4.18
N ILE B 16 7.46 3.08 -4.05
CA ILE B 16 7.27 4.49 -3.63
C ILE B 16 7.78 4.65 -2.19
N LEU B 17 7.59 3.61 -1.37
CA LEU B 17 8.03 3.61 0.01
C LEU B 17 9.55 3.76 0.07
N LEU B 18 10.25 3.05 -0.81
CA LEU B 18 11.71 3.10 -0.88
C LEU B 18 12.19 4.40 -1.53
N SER B 19 11.35 5.01 -2.37
CA SER B 19 11.69 6.25 -3.05
C SER B 19 11.54 7.46 -2.11
N SER B 20 10.66 7.33 -1.10
CA SER B 20 10.42 8.40 -0.14
C SER B 20 11.40 8.29 1.05
N THR B 21 11.67 7.06 1.47
CA THR B 21 12.58 6.81 2.59
C THR B 21 13.86 6.12 2.10
N TRP C 1 -11.21 -3.05 -12.48
CA TRP C 1 -11.49 -3.78 -11.24
C TRP C 1 -10.22 -3.88 -10.39
N LEU C 2 -9.21 -4.59 -10.92
CA LEU C 2 -7.94 -4.76 -10.24
C LEU C 2 -7.23 -3.41 -10.11
N GLY C 3 -7.18 -2.67 -11.21
CA GLY C 3 -6.54 -1.35 -11.23
C GLY C 3 -7.25 -0.41 -10.25
N PHE C 4 -8.57 -0.54 -10.15
CA PHE C 4 -9.37 0.29 -9.25
C PHE C 4 -8.93 0.04 -7.80
N ILE C 5 -8.77 -1.23 -7.44
CA ILE C 5 -8.35 -1.60 -6.09
C ILE C 5 -6.91 -1.13 -5.85
N ALA C 6 -6.03 -1.38 -6.82
CA ALA C 6 -4.62 -1.00 -6.70
C ALA C 6 -4.45 0.49 -6.46
N GLY C 7 -5.06 1.29 -7.30
CA GLY C 7 -4.98 2.73 -7.18
C GLY C 7 -5.55 3.20 -5.85
N LEU C 8 -6.58 2.49 -5.35
CA LEU C 8 -7.22 2.84 -4.09
C LEU C 8 -6.27 2.70 -2.89
N ILE C 9 -5.57 1.56 -2.78
CA ILE C 9 -4.65 1.36 -1.66
C ILE C 9 -3.50 2.35 -1.77
N ALA C 10 -2.97 2.44 -2.98
CA ALA C 10 -1.83 3.30 -3.26
C ALA C 10 -2.10 4.76 -2.93
N ILE C 11 -3.33 5.25 -3.14
CA ILE C 11 -3.62 6.67 -2.83
C ILE C 11 -3.70 6.89 -1.32
N VAL C 12 -4.22 5.90 -0.59
CA VAL C 12 -4.34 6.01 0.87
C VAL C 12 -2.95 5.97 1.51
N LEU C 13 -2.08 5.07 1.03
CA LEU C 13 -0.74 4.91 1.59
C LEU C 13 0.14 6.14 1.32
N VAL C 14 0.07 6.71 0.12
CA VAL C 14 0.85 7.93 -0.16
C VAL C 14 0.39 9.03 0.80
N THR C 15 -0.90 9.03 1.15
CA THR C 15 -1.46 10.01 2.08
C THR C 15 -0.86 9.86 3.49
N ILE C 16 -0.83 8.62 4.04
CA ILE C 16 -0.28 8.40 5.40
C ILE C 16 1.19 8.82 5.44
N LEU C 17 1.93 8.55 4.35
CA LEU C 17 3.35 8.91 4.27
C LEU C 17 3.53 10.43 4.31
N LEU C 18 2.62 11.15 3.64
CA LEU C 18 2.68 12.61 3.60
C LEU C 18 2.51 13.19 5.01
N SER C 19 1.61 12.58 5.79
CA SER C 19 1.35 13.02 7.16
C SER C 19 2.48 12.61 8.11
N SER C 20 3.20 11.54 7.78
CA SER C 20 4.29 11.04 8.61
C SER C 20 5.59 11.82 8.35
N THR C 21 5.84 12.14 7.07
CA THR C 21 7.05 12.88 6.70
C THR C 21 6.95 14.35 7.12
N TRP A 1 -15.49 -6.52 0.26
CA TRP A 1 -14.36 -7.10 -0.47
C TRP A 1 -13.22 -6.09 -0.61
N LEU A 2 -13.46 -5.00 -1.36
CA LEU A 2 -12.44 -3.98 -1.57
C LEU A 2 -12.03 -3.32 -0.26
N GLY A 3 -12.99 -3.13 0.66
CA GLY A 3 -12.71 -2.51 1.94
C GLY A 3 -11.82 -3.41 2.79
N PHE A 4 -12.12 -4.71 2.79
CA PHE A 4 -11.35 -5.68 3.55
C PHE A 4 -9.92 -5.76 3.02
N ILE A 5 -9.78 -5.76 1.69
CA ILE A 5 -8.46 -5.84 1.06
C ILE A 5 -7.67 -4.54 1.33
N ALA A 6 -8.33 -3.39 1.17
CA ALA A 6 -7.65 -2.10 1.36
C ALA A 6 -7.02 -1.96 2.73
N GLY A 7 -7.68 -2.50 3.74
CA GLY A 7 -7.18 -2.43 5.10
C GLY A 7 -6.04 -3.43 5.31
N LEU A 8 -6.21 -4.66 4.82
CA LEU A 8 -5.19 -5.70 4.95
C LEU A 8 -3.90 -5.32 4.23
N ILE A 9 -3.98 -4.83 2.99
CA ILE A 9 -2.77 -4.45 2.25
C ILE A 9 -2.15 -3.22 2.91
N ALA A 10 -2.98 -2.25 3.26
CA ALA A 10 -2.50 -1.03 3.91
C ALA A 10 -1.84 -1.35 5.24
N ILE A 11 -2.36 -2.35 5.95
CA ILE A 11 -1.81 -2.76 7.24
C ILE A 11 -0.41 -3.37 7.05
N VAL A 12 -0.21 -4.11 5.96
CA VAL A 12 1.10 -4.72 5.68
C VAL A 12 2.09 -3.64 5.21
N LEU A 13 1.62 -2.73 4.36
CA LEU A 13 2.48 -1.67 3.83
C LEU A 13 2.92 -0.70 4.93
N VAL A 14 2.00 -0.32 5.83
CA VAL A 14 2.37 0.55 6.95
C VAL A 14 3.42 -0.18 7.80
N THR A 15 3.33 -1.52 7.88
CA THR A 15 4.33 -2.29 8.63
C THR A 15 5.71 -2.05 8.01
N ILE A 16 5.77 -1.92 6.68
CA ILE A 16 7.03 -1.64 5.99
C ILE A 16 7.58 -0.31 6.51
N LEU A 17 6.68 0.67 6.66
CA LEU A 17 7.06 2.00 7.15
C LEU A 17 7.61 1.92 8.58
N LEU A 18 6.97 1.12 9.43
CA LEU A 18 7.40 0.96 10.82
C LEU A 18 8.80 0.35 10.90
N SER A 19 9.07 -0.62 10.04
CA SER A 19 10.37 -1.29 10.01
C SER A 19 11.43 -0.41 9.35
N SER A 20 11.03 0.34 8.32
CA SER A 20 11.95 1.22 7.60
C SER A 20 12.07 2.61 8.27
N THR A 21 11.21 2.89 9.26
CA THR A 21 11.24 4.18 9.95
C THR A 21 10.97 3.98 11.46
N TRP B 1 -6.43 -14.81 -5.96
CA TRP B 1 -6.75 -14.58 -4.55
C TRP B 1 -6.28 -13.19 -4.05
N LEU B 2 -6.55 -12.92 -2.78
CA LEU B 2 -6.20 -11.66 -2.13
C LEU B 2 -4.69 -11.42 -2.21
N GLY B 3 -3.90 -12.49 -2.06
CA GLY B 3 -2.45 -12.40 -2.10
C GLY B 3 -1.97 -11.77 -3.42
N PHE B 4 -2.71 -12.04 -4.51
CA PHE B 4 -2.35 -11.49 -5.82
C PHE B 4 -2.52 -9.97 -5.84
N ILE B 5 -3.68 -9.49 -5.38
CA ILE B 5 -3.94 -8.05 -5.35
C ILE B 5 -3.03 -7.37 -4.31
N ALA B 6 -2.88 -8.00 -3.15
CA ALA B 6 -2.04 -7.45 -2.08
C ALA B 6 -0.60 -7.34 -2.49
N GLY B 7 -0.06 -8.43 -2.98
CA GLY B 7 1.33 -8.48 -3.43
C GLY B 7 1.58 -7.51 -4.57
N LEU B 8 0.63 -7.41 -5.50
CA LEU B 8 0.76 -6.52 -6.65
C LEU B 8 0.77 -5.05 -6.24
N ILE B 9 -0.21 -4.64 -5.43
CA ILE B 9 -0.29 -3.24 -4.99
C ILE B 9 0.86 -2.95 -4.03
N ALA B 10 1.16 -3.90 -3.16
CA ALA B 10 2.23 -3.75 -2.19
C ALA B 10 3.61 -3.65 -2.85
N ILE B 11 3.88 -4.47 -3.88
CA ILE B 11 5.18 -4.41 -4.54
C ILE B 11 5.38 -3.05 -5.22
N VAL B 12 4.30 -2.50 -5.78
CA VAL B 12 4.38 -1.18 -6.44
C VAL B 12 4.62 -0.09 -5.39
N LEU B 13 3.90 -0.17 -4.27
CA LEU B 13 4.03 0.83 -3.20
C LEU B 13 5.41 0.77 -2.53
N VAL B 14 5.95 -0.44 -2.32
CA VAL B 14 7.29 -0.55 -1.74
C VAL B 14 8.28 0.12 -2.70
N THR B 15 8.00 0.04 -4.01
CA THR B 15 8.85 0.67 -5.01
C THR B 15 8.84 2.19 -4.86
N ILE B 16 7.66 2.79 -4.65
CA ILE B 16 7.56 4.26 -4.47
C ILE B 16 8.22 4.65 -3.14
N LEU B 17 8.04 3.81 -2.13
CA LEU B 17 8.62 4.06 -0.80
C LEU B 17 10.14 4.10 -0.88
N LEU B 18 10.72 3.11 -1.56
CA LEU B 18 12.17 3.02 -1.73
C LEU B 18 12.68 4.01 -2.77
N SER B 19 11.80 4.39 -3.70
CA SER B 19 12.14 5.34 -4.77
C SER B 19 12.00 6.80 -4.29
N SER B 20 11.31 7.01 -3.17
CA SER B 20 11.12 8.36 -2.61
C SER B 20 12.33 8.79 -1.77
N THR B 21 13.02 7.81 -1.17
CA THR B 21 14.19 8.09 -0.33
C THR B 21 13.83 9.00 0.84
N TRP C 1 -11.73 -1.89 -11.80
CA TRP C 1 -12.07 -2.60 -10.57
C TRP C 1 -10.77 -2.93 -9.80
N LEU C 2 -9.93 -3.78 -10.39
CA LEU C 2 -8.66 -4.17 -9.77
C LEU C 2 -7.75 -2.94 -9.66
N GLY C 3 -7.69 -2.17 -10.76
CA GLY C 3 -6.88 -0.95 -10.79
C GLY C 3 -7.40 0.07 -9.78
N PHE C 4 -8.72 0.11 -9.60
CA PHE C 4 -9.36 1.02 -8.66
C PHE C 4 -8.84 0.76 -7.25
N ILE C 5 -8.77 -0.53 -6.87
CA ILE C 5 -8.30 -0.91 -5.54
C ILE C 5 -6.81 -0.59 -5.42
N ALA C 6 -6.03 -0.82 -6.48
CA ALA C 6 -4.59 -0.55 -6.46
C ALA C 6 -4.32 0.93 -6.29
N GLY C 7 -5.04 1.75 -7.02
CA GLY C 7 -4.87 3.20 -6.98
C GLY C 7 -5.42 3.77 -5.68
N LEU C 8 -6.57 3.25 -5.24
CA LEU C 8 -7.21 3.73 -4.02
C LEU C 8 -6.37 3.43 -2.78
N ILE C 9 -5.89 2.18 -2.65
CA ILE C 9 -5.08 1.82 -1.48
C ILE C 9 -3.74 2.54 -1.57
N ALA C 10 -3.15 2.53 -2.76
CA ALA C 10 -1.85 3.16 -2.99
C ALA C 10 -1.88 4.67 -2.70
N ILE C 11 -2.91 5.39 -3.19
CA ILE C 11 -2.97 6.84 -2.97
C ILE C 11 -3.14 7.15 -1.48
N VAL C 12 -3.92 6.32 -0.77
CA VAL C 12 -4.14 6.53 0.67
C VAL C 12 -2.82 6.27 1.43
N LEU C 13 -2.07 5.25 1.00
CA LEU C 13 -0.80 4.91 1.64
C LEU C 13 0.24 6.01 1.44
N VAL C 14 0.32 6.57 0.23
CA VAL C 14 1.28 7.66 -0.01
C VAL C 14 0.92 8.83 0.92
N THR C 15 -0.39 9.01 1.19
CA THR C 15 -0.85 10.07 2.08
C THR C 15 -0.26 9.88 3.48
N ILE C 16 -0.26 8.64 3.99
CA ILE C 16 0.28 8.34 5.33
C ILE C 16 1.78 8.73 5.37
N LEU C 17 2.48 8.51 4.25
CA LEU C 17 3.90 8.83 4.17
C LEU C 17 4.12 10.34 4.41
N LEU C 18 3.32 11.16 3.74
CA LEU C 18 3.43 12.62 3.89
C LEU C 18 3.02 13.06 5.30
N SER C 19 2.01 12.39 5.86
CA SER C 19 1.53 12.72 7.20
C SER C 19 2.47 12.20 8.30
N SER C 20 3.33 11.23 7.95
CA SER C 20 4.27 10.66 8.92
C SER C 20 5.59 11.43 8.91
N THR C 21 6.04 11.85 7.72
CA THR C 21 7.29 12.61 7.59
C THR C 21 7.13 14.01 8.18
N TRP A 1 -15.29 -7.56 0.14
CA TRP A 1 -15.29 -6.19 -0.42
C TRP A 1 -13.91 -5.48 -0.42
N LEU A 2 -13.88 -4.37 -1.17
CA LEU A 2 -12.68 -3.54 -1.34
C LEU A 2 -12.12 -3.09 0.01
N GLY A 3 -13.01 -2.79 0.94
CA GLY A 3 -12.62 -2.30 2.25
C GLY A 3 -11.67 -3.26 2.96
N PHE A 4 -11.96 -4.56 2.93
CA PHE A 4 -11.12 -5.55 3.58
C PHE A 4 -9.73 -5.58 2.92
N ILE A 5 -9.67 -5.55 1.58
CA ILE A 5 -8.37 -5.58 0.89
C ILE A 5 -7.58 -4.29 1.21
N ALA A 6 -8.24 -3.14 1.12
CA ALA A 6 -7.57 -1.86 1.38
C ALA A 6 -6.94 -1.80 2.76
N GLY A 7 -7.73 -2.10 3.76
CA GLY A 7 -7.24 -2.07 5.14
C GLY A 7 -6.18 -3.14 5.39
N LEU A 8 -6.37 -4.32 4.79
CA LEU A 8 -5.43 -5.43 4.98
C LEU A 8 -4.07 -5.15 4.35
N ILE A 9 -4.04 -4.71 3.08
CA ILE A 9 -2.76 -4.42 2.43
C ILE A 9 -2.11 -3.21 3.09
N ALA A 10 -2.93 -2.20 3.40
CA ALA A 10 -2.44 -0.98 4.02
C ALA A 10 -1.74 -1.26 5.36
N ILE A 11 -2.31 -2.14 6.21
CA ILE A 11 -1.68 -2.42 7.51
C ILE A 11 -0.32 -3.09 7.32
N VAL A 12 -0.21 -3.98 6.34
CA VAL A 12 1.06 -4.67 6.07
C VAL A 12 2.08 -3.67 5.51
N LEU A 13 1.64 -2.80 4.61
CA LEU A 13 2.53 -1.81 4.00
C LEU A 13 3.01 -0.78 5.01
N VAL A 14 2.13 -0.30 5.90
CA VAL A 14 2.56 0.66 6.92
C VAL A 14 3.63 -0.02 7.80
N THR A 15 3.50 -1.35 8.01
CA THR A 15 4.45 -2.10 8.81
C THR A 15 5.86 -2.05 8.20
N ILE A 16 5.99 -2.36 6.89
CA ILE A 16 7.30 -2.34 6.23
C ILE A 16 7.87 -0.91 6.26
N LEU A 17 6.97 0.07 6.06
CA LEU A 17 7.35 1.49 6.10
C LEU A 17 7.91 1.85 7.47
N LEU A 18 7.27 1.34 8.53
CA LEU A 18 7.70 1.61 9.89
C LEU A 18 9.12 1.09 10.12
N SER A 19 9.40 -0.09 9.58
CA SER A 19 10.72 -0.70 9.71
C SER A 19 11.77 0.05 8.86
N SER A 20 11.31 0.73 7.81
CA SER A 20 12.22 1.49 6.93
C SER A 20 12.56 2.88 7.51
N THR A 21 11.90 3.27 8.61
CA THR A 21 12.16 4.56 9.25
C THR A 21 12.26 4.42 10.77
N TRP B 1 -6.90 -13.56 -7.07
CA TRP B 1 -7.25 -13.76 -5.67
C TRP B 1 -6.81 -12.53 -4.86
N LEU B 2 -7.27 -12.45 -3.61
CA LEU B 2 -6.91 -11.32 -2.74
C LEU B 2 -5.40 -11.25 -2.59
N GLY B 3 -4.76 -12.41 -2.54
CA GLY B 3 -3.30 -12.49 -2.38
C GLY B 3 -2.58 -11.80 -3.53
N PHE B 4 -3.06 -12.04 -4.76
CA PHE B 4 -2.45 -11.44 -5.94
C PHE B 4 -2.55 -9.91 -5.88
N ILE B 5 -3.72 -9.39 -5.47
CA ILE B 5 -3.91 -7.94 -5.38
C ILE B 5 -3.01 -7.36 -4.28
N ALA B 6 -2.99 -8.01 -3.12
CA ALA B 6 -2.16 -7.53 -2.00
C ALA B 6 -0.69 -7.51 -2.37
N GLY B 7 -0.22 -8.62 -2.87
CA GLY B 7 1.17 -8.77 -3.27
C GLY B 7 1.53 -7.81 -4.40
N LEU B 8 0.63 -7.68 -5.38
CA LEU B 8 0.86 -6.79 -6.53
C LEU B 8 0.91 -5.32 -6.12
N ILE B 9 -0.07 -4.87 -5.33
CA ILE B 9 -0.09 -3.46 -4.91
C ILE B 9 1.07 -3.20 -3.95
N ALA B 10 1.34 -4.17 -3.08
CA ALA B 10 2.41 -4.05 -2.09
C ALA B 10 3.77 -3.86 -2.76
N ILE B 11 4.06 -4.62 -3.82
CA ILE B 11 5.37 -4.49 -4.50
C ILE B 11 5.53 -3.12 -5.14
N VAL B 12 4.45 -2.61 -5.75
CA VAL B 12 4.49 -1.30 -6.38
C VAL B 12 4.61 -0.20 -5.31
N LEU B 13 3.87 -0.38 -4.20
CA LEU B 13 3.89 0.61 -3.12
C LEU B 13 5.26 0.65 -2.41
N VAL B 14 5.89 -0.51 -2.21
CA VAL B 14 7.23 -0.52 -1.58
C VAL B 14 8.17 0.27 -2.50
N THR B 15 7.94 0.18 -3.82
CA THR B 15 8.75 0.89 -4.80
C THR B 15 8.58 2.41 -4.68
N ILE B 16 7.33 2.90 -4.54
CA ILE B 16 7.09 4.35 -4.43
C ILE B 16 7.63 4.88 -3.09
N LEU B 17 7.40 4.13 -2.01
CA LEU B 17 7.85 4.52 -0.68
C LEU B 17 9.38 4.50 -0.60
N LEU B 18 9.96 3.45 -1.17
CA LEU B 18 11.41 3.25 -1.16
C LEU B 18 12.11 4.22 -2.14
N SER B 19 11.43 4.52 -3.24
CA SER B 19 11.98 5.43 -4.26
C SER B 19 11.68 6.91 -3.93
N SER B 20 10.79 7.14 -2.96
CA SER B 20 10.42 8.50 -2.56
C SER B 20 11.44 9.10 -1.58
N THR B 21 12.05 8.24 -0.76
CA THR B 21 13.05 8.70 0.22
C THR B 21 14.16 9.49 -0.47
N TRP C 1 -12.15 -1.74 -11.47
CA TRP C 1 -11.41 -2.97 -11.70
C TRP C 1 -10.29 -3.11 -10.65
N LEU C 2 -9.46 -4.15 -10.79
CA LEU C 2 -8.34 -4.38 -9.87
C LEU C 2 -7.45 -3.13 -9.83
N GLY C 3 -7.32 -2.46 -10.97
CA GLY C 3 -6.51 -1.25 -11.08
C GLY C 3 -7.00 -0.19 -10.10
N PHE C 4 -8.33 -0.06 -9.99
CA PHE C 4 -8.93 0.92 -9.10
C PHE C 4 -8.51 0.65 -7.66
N ILE C 5 -8.51 -0.64 -7.26
CA ILE C 5 -8.11 -0.99 -5.89
C ILE C 5 -6.64 -0.60 -5.67
N ALA C 6 -5.77 -0.93 -6.61
CA ALA C 6 -4.34 -0.63 -6.48
C ALA C 6 -4.10 0.85 -6.29
N GLY C 7 -4.66 1.65 -7.17
CA GLY C 7 -4.49 3.09 -7.12
C GLY C 7 -5.14 3.69 -5.88
N LEU C 8 -6.33 3.18 -5.52
CA LEU C 8 -7.06 3.70 -4.36
C LEU C 8 -6.32 3.40 -3.06
N ILE C 9 -5.88 2.15 -2.86
CA ILE C 9 -5.17 1.81 -1.62
C ILE C 9 -3.81 2.50 -1.62
N ALA C 10 -3.14 2.47 -2.77
CA ALA C 10 -1.83 3.08 -2.92
C ALA C 10 -1.85 4.57 -2.59
N ILE C 11 -2.85 5.32 -3.11
CA ILE C 11 -2.91 6.76 -2.84
C ILE C 11 -3.10 7.04 -1.33
N VAL C 12 -3.86 6.19 -0.65
CA VAL C 12 -4.08 6.36 0.79
C VAL C 12 -2.77 6.11 1.55
N LEU C 13 -2.04 5.08 1.14
CA LEU C 13 -0.76 4.74 1.79
C LEU C 13 0.28 5.84 1.55
N VAL C 14 0.25 6.47 0.37
CA VAL C 14 1.16 7.59 0.10
C VAL C 14 0.85 8.70 1.12
N THR C 15 -0.44 8.82 1.50
CA THR C 15 -0.87 9.81 2.49
C THR C 15 -0.17 9.52 3.83
N ILE C 16 0.01 8.23 4.15
CA ILE C 16 0.68 7.83 5.40
C ILE C 16 2.11 8.38 5.40
N LEU C 17 2.79 8.29 4.26
CA LEU C 17 4.17 8.77 4.14
C LEU C 17 4.26 10.28 4.42
N LEU C 18 3.38 11.07 3.80
CA LEU C 18 3.39 12.53 4.01
C LEU C 18 2.75 12.91 5.36
N SER C 19 1.98 12.00 5.94
CA SER C 19 1.32 12.25 7.23
C SER C 19 2.25 11.91 8.40
N SER C 20 3.21 10.99 8.17
CA SER C 20 4.13 10.58 9.22
C SER C 20 5.30 11.57 9.34
N THR C 21 5.77 12.07 8.21
CA THR C 21 6.89 13.02 8.19
C THR C 21 6.54 14.27 9.02
#